data_4ZAD
#
_entry.id   4ZAD
#
_cell.length_a   91.970
_cell.length_b   64.550
_cell.length_c   96.050
_cell.angle_alpha   90.00
_cell.angle_beta   91.07
_cell.angle_gamma   90.00
#
_symmetry.space_group_name_H-M   'P 1 21 1'
#
loop_
_entity.id
_entity.type
_entity.pdbx_description
1 polymer Fdc1
2 non-polymer 'MANGANESE (II) ION'
3 non-polymer 'POTASSIUM ION'
4 non-polymer '1-deoxy-5-O-phosphono-1-(3,3,4,5-tetramethyl-9,11-dioxo-2,3,8,9,10,11-hexahydro-7H-quinolino[1,8-fg]pteridin-12-ium-7-y l)-D-ribitol'
5 water water
#
_entity_poly.entity_id   1
_entity_poly.type   'polypeptide(L)'
_entity_poly.pdbx_seq_one_letter_code
;MSLNPALKFRDFIQVLKNEGDLIEIDTEVDPNLEVGAITRKAYENKLAAPLFNNLKQDPENIDPKNLFRILGCPGGLRGF
GNDHARIALHLGLDSQTPMKEIIDFLVANRNPKKYIPPVLVPNDQSPHKKHHLTKEQIDLTKLPVPLLHHGDGGKFIQTY
GMWVLQTPDKSWTNWSIARGMVHDSKSITGLVINPQHVKQVSDAWVAAGKGDKIPFALCFGVPPAAILVSSMPIPDGATE
AEYIGGLCNQAVPVVKCETNDLEVPADCEMVFEGYLDRDTLVREGPFGEMHGYCFPKDHHTQPLYRVNHISYRDQAIMPI
SNPGLCTDETHTLIGGLVSAETKYLISQHPVLSKIVEDVFTPYEAQALWLAVKINTHELVKLKTNAKELSNLVGDFLFRS
KECYKVCSILHEIILVGDDIDIFDFKQLIWAYTTRHTPVQDQLYFDDVKPFALAPFASQGPLIKTRQGGKCVTTCIFPKQ
FTDPDFEFVTCNFNGYPEEVKNKISQNWDKYYK
;
_entity_poly.pdbx_strand_id   A,B
#
# COMPACT_ATOMS: atom_id res chain seq x y z
N LEU A 3 5.21 -33.60 -18.17
CA LEU A 3 6.38 -34.13 -17.41
C LEU A 3 7.42 -33.04 -16.92
N ASN A 4 8.19 -32.36 -17.79
CA ASN A 4 9.19 -31.36 -17.25
C ASN A 4 9.08 -29.87 -17.65
N PRO A 5 8.25 -29.12 -16.92
CA PRO A 5 7.93 -27.76 -17.32
C PRO A 5 9.10 -26.75 -17.17
N ALA A 6 10.15 -27.14 -16.45
CA ALA A 6 11.36 -26.32 -16.37
C ALA A 6 12.07 -26.28 -17.72
N LEU A 7 12.04 -27.39 -18.42
CA LEU A 7 12.86 -27.54 -19.60
C LEU A 7 12.06 -27.46 -20.89
N LYS A 8 10.74 -27.54 -20.82
CA LYS A 8 9.91 -27.68 -22.04
C LYS A 8 8.70 -26.76 -21.96
N PHE A 9 8.69 -25.71 -22.76
CA PHE A 9 7.60 -24.71 -22.74
C PHE A 9 6.23 -25.40 -22.78
N ARG A 10 6.13 -26.41 -23.62
CA ARG A 10 4.87 -27.11 -23.84
C ARG A 10 4.49 -28.02 -22.68
N ASP A 11 5.46 -28.42 -21.88
CA ASP A 11 5.14 -29.13 -20.64
C ASP A 11 4.65 -28.13 -19.61
N PHE A 12 5.18 -26.92 -19.70
CA PHE A 12 4.74 -25.81 -18.85
C PHE A 12 3.24 -25.54 -19.09
N ILE A 13 2.88 -25.40 -20.35
CA ILE A 13 1.49 -25.24 -20.75
C ILE A 13 0.58 -26.40 -20.28
N GLN A 14 1.10 -27.63 -20.35
CA GLN A 14 0.36 -28.83 -20.02
C GLN A 14 0.14 -28.92 -18.50
N VAL A 15 1.16 -28.57 -17.71
CA VAL A 15 0.96 -28.51 -16.25
C VAL A 15 -0.11 -27.49 -15.87
N LEU A 16 -0.08 -26.30 -16.49
CA LEU A 16 -1.09 -25.27 -16.20
C LEU A 16 -2.53 -25.73 -16.55
N LYS A 17 -2.66 -26.40 -17.69
CA LYS A 17 -3.89 -27.05 -18.12
C LYS A 17 -4.30 -28.09 -17.08
N ASN A 18 -3.37 -28.96 -16.68
CA ASN A 18 -3.69 -29.96 -15.64
C ASN A 18 -4.12 -29.31 -14.33
N GLU A 19 -3.59 -28.12 -14.04
CA GLU A 19 -3.86 -27.51 -12.73
C GLU A 19 -5.10 -26.66 -12.76
N GLY A 20 -5.65 -26.47 -13.96
CA GLY A 20 -6.87 -25.66 -14.15
C GLY A 20 -6.55 -24.17 -14.22
N ASP A 21 -5.34 -23.87 -14.65
CA ASP A 21 -4.87 -22.50 -14.69
C ASP A 21 -4.57 -22.04 -16.11
N LEU A 22 -5.20 -22.68 -17.09
CA LEU A 22 -5.13 -22.32 -18.51
C LEU A 22 -6.51 -22.38 -19.22
N ILE A 23 -6.85 -21.32 -19.96
CA ILE A 23 -8.05 -21.28 -20.79
C ILE A 23 -7.66 -21.16 -22.25
N GLU A 24 -7.96 -22.16 -23.05
CA GLU A 24 -7.83 -22.02 -24.50
C GLU A 24 -8.99 -21.12 -24.95
N ILE A 25 -8.69 -20.10 -25.75
CA ILE A 25 -9.71 -19.28 -26.39
C ILE A 25 -9.71 -19.56 -27.89
N ASP A 26 -10.80 -20.18 -28.34
CA ASP A 26 -11.03 -20.45 -29.75
C ASP A 26 -11.76 -19.32 -30.52
N THR A 27 -12.26 -18.30 -29.81
CA THR A 27 -12.93 -17.15 -30.45
C THR A 27 -11.95 -16.17 -31.08
N GLU A 28 -12.23 -15.73 -32.29
CA GLU A 28 -11.31 -14.82 -32.94
C GLU A 28 -11.10 -13.58 -32.07
N VAL A 29 -9.83 -13.29 -31.79
CA VAL A 29 -9.40 -12.09 -31.04
C VAL A 29 -8.41 -11.34 -31.91
N ASP A 30 -8.51 -10.01 -31.86
CA ASP A 30 -7.75 -9.12 -32.77
C ASP A 30 -6.45 -8.75 -32.09
N PRO A 31 -5.32 -8.96 -32.77
CA PRO A 31 -4.01 -8.51 -32.26
C PRO A 31 -3.95 -7.01 -31.95
N ASN A 32 -4.68 -6.25 -32.74
CA ASN A 32 -4.85 -4.84 -32.47
C ASN A 32 -5.74 -4.61 -31.25
N LEU A 33 -5.09 -4.50 -30.09
CA LEU A 33 -5.63 -4.02 -28.82
C LEU A 33 -6.38 -5.01 -27.97
N GLU A 34 -6.88 -6.12 -28.49
CA GLU A 34 -7.74 -6.99 -27.66
C GLU A 34 -6.91 -8.02 -26.91
N VAL A 35 -5.78 -8.40 -27.49
CA VAL A 35 -4.95 -9.38 -26.86
C VAL A 35 -4.48 -8.74 -25.56
N GLY A 36 -4.08 -7.48 -25.64
CA GLY A 36 -3.66 -6.73 -24.47
C GLY A 36 -4.74 -6.47 -23.44
N ALA A 37 -5.96 -6.17 -23.88
CA ALA A 37 -7.06 -6.00 -22.92
C ALA A 37 -7.27 -7.30 -22.20
N ILE A 38 -7.35 -8.41 -22.92
CA ILE A 38 -7.68 -9.68 -22.28
C ILE A 38 -6.60 -9.98 -21.21
N THR A 39 -5.35 -10.10 -21.66
CA THR A 39 -4.26 -10.41 -20.78
C THR A 39 -4.30 -9.52 -19.56
N ARG A 40 -4.51 -8.22 -19.75
CA ARG A 40 -4.63 -7.30 -18.64
C ARG A 40 -5.71 -7.64 -17.62
N LYS A 41 -6.88 -8.06 -18.10
CA LYS A 41 -7.96 -8.42 -17.23
C LYS A 41 -7.60 -9.75 -16.51
N ALA A 42 -6.95 -10.68 -17.23
CA ALA A 42 -6.34 -11.86 -16.64
C ALA A 42 -5.33 -11.57 -15.46
N TYR A 43 -4.39 -10.65 -15.69
CA TYR A 43 -3.42 -10.27 -14.69
C TYR A 43 -4.11 -9.75 -13.49
N GLU A 44 -5.01 -8.82 -13.73
CA GLU A 44 -5.53 -7.94 -12.66
C GLU A 44 -6.51 -8.67 -11.78
N ASN A 45 -7.19 -9.68 -12.31
CA ASN A 45 -8.16 -10.45 -11.51
C ASN A 45 -7.66 -11.86 -11.17
N LYS A 46 -6.46 -12.18 -11.63
CA LYS A 46 -5.73 -13.43 -11.29
C LYS A 46 -6.42 -14.64 -11.87
N LEU A 47 -6.90 -14.45 -13.08
CA LEU A 47 -7.57 -15.48 -13.86
C LEU A 47 -6.51 -16.35 -14.52
N ALA A 48 -7.00 -17.40 -15.20
CA ALA A 48 -6.15 -18.35 -15.90
C ALA A 48 -5.42 -17.71 -17.09
N ALA A 49 -4.28 -18.28 -17.42
CA ALA A 49 -3.47 -17.77 -18.52
C ALA A 49 -4.22 -18.12 -19.78
N PRO A 50 -4.41 -17.13 -20.68
CA PRO A 50 -5.08 -17.40 -21.94
C PRO A 50 -4.15 -17.86 -23.05
N LEU A 51 -4.44 -19.03 -23.58
CA LEU A 51 -3.89 -19.46 -24.82
C LEU A 51 -4.85 -18.99 -25.95
N PHE A 52 -4.34 -18.17 -26.84
CA PHE A 52 -5.10 -17.67 -27.96
C PHE A 52 -4.82 -18.52 -29.15
N ASN A 53 -5.78 -19.40 -29.48
CA ASN A 53 -5.65 -20.29 -30.64
C ASN A 53 -6.13 -19.66 -31.96
N ASN A 54 -7.00 -18.64 -31.89
CA ASN A 54 -7.62 -18.09 -33.10
C ASN A 54 -7.47 -16.60 -33.14
N LEU A 55 -6.29 -16.16 -33.59
CA LEU A 55 -5.98 -14.74 -33.74
C LEU A 55 -6.45 -14.27 -35.11
N LYS A 56 -6.77 -12.98 -35.24
CA LYS A 56 -7.22 -12.43 -36.51
C LYS A 56 -6.01 -12.23 -37.37
N GLN A 57 -5.99 -12.92 -38.51
CA GLN A 57 -4.82 -13.02 -39.37
C GLN A 57 -4.86 -12.09 -40.57
N ASP A 58 -3.69 -11.60 -40.92
CA ASP A 58 -3.50 -10.82 -42.12
C ASP A 58 -3.50 -11.85 -43.27
N PRO A 59 -4.18 -11.54 -44.40
CA PRO A 59 -4.26 -12.53 -45.46
C PRO A 59 -2.94 -12.93 -46.11
N GLU A 60 -1.96 -12.03 -46.13
CA GLU A 60 -0.68 -12.29 -46.81
C GLU A 60 0.34 -13.09 -45.96
N ASN A 61 -0.04 -13.42 -44.71
CA ASN A 61 0.80 -14.24 -43.81
C ASN A 61 1.20 -15.57 -44.44
N ILE A 62 2.50 -15.84 -44.49
CA ILE A 62 3.03 -16.97 -45.27
C ILE A 62 2.70 -18.41 -44.80
N ASP A 63 2.23 -18.58 -43.57
CA ASP A 63 1.93 -19.92 -43.05
C ASP A 63 1.06 -19.76 -41.80
N PRO A 64 -0.16 -19.24 -41.98
CA PRO A 64 -1.01 -18.90 -40.86
C PRO A 64 -1.39 -20.08 -39.96
N LYS A 65 -1.38 -21.29 -40.50
CA LYS A 65 -1.80 -22.43 -39.67
C LYS A 65 -0.73 -22.71 -38.63
N ASN A 66 0.49 -22.24 -38.90
CA ASN A 66 1.62 -22.39 -38.00
C ASN A 66 2.09 -21.12 -37.26
N LEU A 67 1.82 -19.93 -37.81
CA LEU A 67 2.39 -18.69 -37.30
C LEU A 67 1.31 -17.64 -37.01
N PHE A 68 1.10 -17.27 -35.75
CA PHE A 68 1.38 -18.08 -34.55
C PHE A 68 0.18 -17.87 -33.61
N ARG A 69 0.09 -18.70 -32.58
CA ARG A 69 -0.85 -18.47 -31.47
C ARG A 69 -0.13 -17.65 -30.43
N ILE A 70 -0.87 -17.13 -29.45
CA ILE A 70 -0.27 -16.40 -28.33
C ILE A 70 -0.67 -17.01 -26.98
N LEU A 71 0.32 -17.31 -26.13
CA LEU A 71 0.06 -17.58 -24.71
C LEU A 71 0.29 -16.27 -23.99
N GLY A 72 -0.63 -15.88 -23.13
CA GLY A 72 -0.49 -14.64 -22.35
C GLY A 72 -0.39 -14.86 -20.85
N CYS A 73 0.12 -13.88 -20.11
CA CYS A 73 0.21 -14.03 -18.67
C CYS A 73 1.04 -15.21 -18.16
N PRO A 74 2.13 -15.57 -18.85
CA PRO A 74 2.90 -16.74 -18.45
C PRO A 74 3.48 -16.63 -17.04
N GLY A 75 3.69 -15.38 -16.61
CA GLY A 75 4.26 -15.11 -15.30
C GLY A 75 3.30 -14.30 -14.46
N GLY A 76 2.03 -14.30 -14.82
CA GLY A 76 1.07 -13.49 -14.07
C GLY A 76 0.66 -14.27 -12.86
N LEU A 77 -0.01 -13.64 -11.90
CA LEU A 77 -0.38 -14.37 -10.68
C LEU A 77 -1.65 -15.22 -10.88
N ARG A 78 -1.67 -16.35 -10.18
CA ARG A 78 -2.74 -17.32 -10.18
C ARG A 78 -3.74 -17.00 -9.09
N GLY A 79 -4.99 -17.45 -9.23
CA GLY A 79 -6.04 -16.99 -8.32
C GLY A 79 -6.56 -17.90 -7.21
N PHE A 80 -6.13 -19.18 -7.21
CA PHE A 80 -6.65 -20.10 -6.23
C PHE A 80 -5.70 -20.53 -5.11
N GLY A 81 -4.50 -20.97 -5.41
CA GLY A 81 -3.72 -21.54 -4.31
C GLY A 81 -2.60 -20.57 -4.05
N ASN A 82 -1.40 -21.09 -4.23
CA ASN A 82 -0.21 -20.29 -4.26
C ASN A 82 -0.25 -19.38 -5.48
N ASP A 83 -0.42 -18.09 -5.27
CA ASP A 83 -0.56 -17.17 -6.40
C ASP A 83 0.69 -17.12 -7.29
N HIS A 84 1.83 -17.62 -6.81
CA HIS A 84 3.07 -17.61 -7.59
C HIS A 84 3.36 -18.96 -8.27
N ALA A 85 2.34 -19.82 -8.36
CA ALA A 85 2.43 -21.07 -9.08
C ALA A 85 3.16 -20.98 -10.42
N ARG A 86 2.85 -19.98 -11.21
CA ARG A 86 3.39 -19.98 -12.53
C ARG A 86 4.89 -19.73 -12.41
N ILE A 87 5.28 -18.96 -11.42
CA ILE A 87 6.68 -18.67 -11.23
C ILE A 87 7.40 -19.93 -10.76
N ALA A 88 6.85 -20.63 -9.77
CA ALA A 88 7.46 -21.90 -9.31
C ALA A 88 7.60 -22.86 -10.47
N LEU A 89 6.61 -22.87 -11.35
CA LEU A 89 6.61 -23.86 -12.43
C LEU A 89 7.76 -23.64 -13.41
N HIS A 90 8.12 -22.39 -13.65
CA HIS A 90 9.23 -22.08 -14.55
C HIS A 90 10.48 -22.79 -14.11
N LEU A 91 10.63 -22.96 -12.80
CA LEU A 91 11.81 -23.62 -12.29
C LEU A 91 11.55 -25.10 -12.05
N GLY A 92 10.47 -25.64 -12.60
CA GLY A 92 10.08 -27.04 -12.30
C GLY A 92 9.92 -27.44 -10.83
N LEU A 93 9.47 -26.52 -10.00
CA LEU A 93 9.29 -26.77 -8.58
C LEU A 93 7.83 -27.12 -8.34
N ASP A 94 7.52 -27.55 -7.11
CA ASP A 94 6.14 -27.74 -6.69
C ASP A 94 5.43 -26.41 -6.85
N SER A 95 4.29 -26.43 -7.51
CA SER A 95 3.58 -25.18 -7.81
C SER A 95 3.14 -24.38 -6.57
N GLN A 96 3.06 -25.04 -5.41
CA GLN A 96 2.73 -24.32 -4.16
C GLN A 96 3.95 -23.70 -3.50
N THR A 97 5.11 -23.88 -4.10
CA THR A 97 6.30 -23.22 -3.61
C THR A 97 6.10 -21.71 -3.60
N PRO A 98 6.07 -21.10 -2.40
CA PRO A 98 5.86 -19.68 -2.34
C PRO A 98 7.11 -18.92 -2.73
N MET A 99 6.94 -17.62 -2.93
CA MET A 99 7.92 -16.81 -3.60
C MET A 99 9.20 -16.68 -2.84
N LYS A 100 9.10 -16.57 -1.53
CA LYS A 100 10.28 -16.49 -0.65
C LYS A 100 11.16 -17.70 -0.84
N GLU A 101 10.54 -18.84 -1.06
CA GLU A 101 11.27 -20.09 -1.22
C GLU A 101 11.79 -20.24 -2.64
N ILE A 102 10.98 -19.83 -3.63
CA ILE A 102 11.43 -19.75 -5.03
C ILE A 102 12.73 -18.95 -5.09
N ILE A 103 12.75 -17.79 -4.41
CA ILE A 103 13.98 -17.01 -4.26
C ILE A 103 15.08 -17.79 -3.55
N ASP A 104 14.76 -18.57 -2.51
CA ASP A 104 15.85 -19.33 -1.83
C ASP A 104 16.44 -20.38 -2.75
N PHE A 105 15.59 -20.95 -3.60
CA PHE A 105 16.05 -21.95 -4.55
C PHE A 105 17.06 -21.37 -5.57
N LEU A 106 16.77 -20.17 -6.10
CA LEU A 106 17.66 -19.48 -7.02
C LEU A 106 18.96 -19.10 -6.29
N VAL A 107 18.85 -18.43 -5.16
CA VAL A 107 20.04 -18.16 -4.34
C VAL A 107 20.86 -19.42 -4.09
N ALA A 108 20.18 -20.50 -3.69
CA ALA A 108 20.85 -21.76 -3.34
C ALA A 108 21.69 -22.27 -4.49
N ASN A 109 21.20 -22.06 -5.72
CA ASN A 109 21.85 -22.59 -6.92
C ASN A 109 22.81 -21.59 -7.64
N ARG A 110 23.12 -20.48 -6.98
CA ARG A 110 24.04 -19.46 -7.53
C ARG A 110 25.55 -19.75 -7.37
N ASN A 111 25.94 -20.66 -6.50
CA ASN A 111 27.32 -21.11 -6.41
C ASN A 111 27.73 -21.78 -7.74
N PRO A 112 28.69 -21.25 -8.49
CA PRO A 112 29.03 -21.83 -9.79
C PRO A 112 29.35 -23.34 -9.84
N LYS A 113 29.73 -23.92 -8.70
CA LYS A 113 29.92 -25.39 -8.55
C LYS A 113 28.67 -26.22 -8.92
N LYS A 114 27.49 -25.60 -8.79
CA LYS A 114 26.23 -26.20 -9.21
C LYS A 114 25.95 -26.11 -10.72
N TYR A 115 26.72 -25.30 -11.45
CA TYR A 115 26.40 -25.06 -12.88
C TYR A 115 26.68 -26.31 -13.73
N ILE A 116 25.92 -26.42 -14.83
CA ILE A 116 26.02 -27.51 -15.80
C ILE A 116 25.88 -26.96 -17.20
N PRO A 117 26.94 -26.96 -17.97
CA PRO A 117 26.81 -26.24 -19.25
C PRO A 117 25.88 -26.93 -20.21
N PRO A 118 25.31 -26.18 -21.16
CA PRO A 118 24.43 -26.75 -22.15
C PRO A 118 25.17 -27.77 -23.01
N VAL A 119 24.40 -28.71 -23.58
CA VAL A 119 24.95 -29.76 -24.42
C VAL A 119 24.35 -29.61 -25.79
N LEU A 120 25.22 -29.58 -26.80
CA LEU A 120 24.80 -29.60 -28.19
C LEU A 120 24.11 -30.92 -28.56
N VAL A 121 23.06 -30.86 -29.34
CA VAL A 121 22.44 -32.06 -29.90
C VAL A 121 22.10 -31.80 -31.38
N PRO A 122 21.74 -32.87 -32.12
CA PRO A 122 21.52 -32.68 -33.56
C PRO A 122 20.18 -32.03 -33.84
N ASN A 123 20.08 -31.40 -35.02
CA ASN A 123 18.95 -30.59 -35.42
C ASN A 123 17.61 -31.32 -35.34
N ASP A 124 17.61 -32.65 -35.46
CA ASP A 124 16.36 -33.42 -35.36
C ASP A 124 15.88 -33.70 -33.93
N GLN A 125 16.65 -33.29 -32.93
CA GLN A 125 16.09 -33.28 -31.58
C GLN A 125 15.37 -31.97 -31.22
N SER A 126 15.31 -31.01 -32.15
CA SER A 126 14.66 -29.73 -31.93
C SER A 126 13.43 -29.59 -32.81
N PRO A 127 12.26 -29.43 -32.18
CA PRO A 127 11.04 -29.17 -32.94
C PRO A 127 11.05 -27.95 -33.87
N HIS A 128 11.72 -26.86 -33.49
CA HIS A 128 11.66 -25.64 -34.30
C HIS A 128 12.48 -25.76 -35.57
N LYS A 129 13.31 -26.81 -35.66
CA LYS A 129 14.04 -27.06 -36.91
C LYS A 129 13.18 -27.72 -37.98
N LYS A 130 11.89 -27.99 -37.74
CA LYS A 130 11.08 -28.60 -38.77
C LYS A 130 10.77 -27.67 -40.00
N HIS A 131 10.50 -26.39 -39.74
CA HIS A 131 10.21 -25.41 -40.80
C HIS A 131 11.15 -24.22 -40.79
N HIS A 132 11.43 -23.71 -41.99
CA HIS A 132 12.39 -22.63 -42.23
C HIS A 132 11.82 -21.56 -43.16
N LEU A 133 12.18 -20.31 -42.89
CA LEU A 133 11.93 -19.20 -43.79
C LEU A 133 13.26 -18.48 -44.05
N THR A 134 13.55 -18.17 -45.33
CA THR A 134 14.73 -17.39 -45.70
C THR A 134 14.35 -15.94 -45.61
N LYS A 135 15.34 -15.07 -45.70
CA LYS A 135 15.15 -13.61 -45.65
C LYS A 135 14.10 -13.12 -46.65
N GLU A 136 14.10 -13.70 -47.85
CA GLU A 136 13.21 -13.30 -48.94
C GLU A 136 11.76 -13.58 -48.53
N GLN A 137 11.52 -14.75 -47.95
CA GLN A 137 10.17 -15.19 -47.57
C GLN A 137 9.64 -14.48 -46.32
N ILE A 138 10.53 -13.83 -45.56
CA ILE A 138 10.12 -13.30 -44.26
C ILE A 138 9.44 -11.97 -44.45
N ASP A 139 8.32 -11.77 -43.76
CA ASP A 139 7.61 -10.49 -43.72
C ASP A 139 6.85 -10.33 -42.39
N LEU A 140 7.52 -9.66 -41.45
CA LEU A 140 7.07 -9.55 -40.06
C LEU A 140 5.77 -8.73 -39.96
N THR A 141 5.56 -7.85 -40.94
CA THR A 141 4.36 -7.00 -41.09
C THR A 141 3.06 -7.84 -41.12
N LYS A 142 3.16 -9.05 -41.65
CA LYS A 142 1.99 -9.90 -41.88
C LYS A 142 1.64 -10.86 -40.74
N LEU A 143 2.56 -11.03 -39.80
CA LEU A 143 2.32 -11.88 -38.61
C LEU A 143 1.37 -11.18 -37.62
N PRO A 144 0.66 -11.95 -36.79
CA PRO A 144 -0.25 -11.40 -35.81
C PRO A 144 0.48 -10.95 -34.54
N VAL A 145 1.26 -9.88 -34.71
CA VAL A 145 2.03 -9.25 -33.66
C VAL A 145 1.08 -8.25 -33.05
N PRO A 146 0.94 -8.27 -31.73
CA PRO A 146 -0.06 -7.42 -31.08
C PRO A 146 0.35 -5.95 -30.96
N LEU A 147 -0.64 -5.07 -30.94
CA LEU A 147 -0.48 -3.72 -30.43
C LEU A 147 -1.05 -3.70 -29.00
N LEU A 148 -0.13 -3.83 -28.06
CA LEU A 148 -0.47 -4.20 -26.71
C LEU A 148 -1.16 -3.08 -25.96
N HIS A 149 -0.67 -1.85 -26.16
CA HIS A 149 -1.26 -0.69 -25.52
C HIS A 149 -1.54 0.42 -26.52
N HIS A 150 -2.68 1.11 -26.36
CA HIS A 150 -2.89 2.40 -27.03
C HIS A 150 -1.71 3.28 -26.77
N GLY A 151 -1.14 3.81 -27.86
CA GLY A 151 0.00 4.72 -27.80
C GLY A 151 1.35 4.03 -27.99
N ASP A 152 1.32 2.70 -28.09
CA ASP A 152 2.54 1.96 -28.33
C ASP A 152 2.99 2.41 -29.72
N GLY A 153 4.28 2.63 -29.90
CA GLY A 153 4.77 3.17 -31.18
C GLY A 153 4.98 2.12 -32.25
N GLY A 154 4.59 0.88 -31.97
CA GLY A 154 4.68 -0.20 -32.93
C GLY A 154 4.02 -1.45 -32.37
N LYS A 155 4.10 -2.53 -33.12
CA LYS A 155 3.65 -3.80 -32.62
C LYS A 155 4.86 -4.51 -31.97
N PHE A 156 4.74 -4.81 -30.68
CA PHE A 156 5.86 -5.39 -29.93
C PHE A 156 5.87 -6.91 -29.96
N ILE A 157 6.65 -7.43 -30.90
CA ILE A 157 6.69 -8.86 -31.19
C ILE A 157 7.48 -9.57 -30.12
N GLN A 158 8.40 -8.84 -29.50
CA GLN A 158 9.34 -9.43 -28.53
C GLN A 158 9.07 -8.84 -27.18
N THR A 159 8.32 -9.61 -26.41
CA THR A 159 8.05 -9.28 -25.05
C THR A 159 8.38 -10.45 -24.13
N TYR A 160 8.64 -11.65 -24.65
CA TYR A 160 8.89 -12.79 -23.76
C TYR A 160 9.67 -13.89 -24.44
N GLY A 161 10.56 -13.49 -25.33
CA GLY A 161 11.52 -14.36 -25.93
C GLY A 161 12.86 -13.84 -25.51
N MET A 162 13.90 -14.51 -26.01
CA MET A 162 15.26 -14.42 -25.45
C MET A 162 16.26 -14.04 -26.51
N TRP A 163 17.08 -13.01 -26.23
CA TRP A 163 18.11 -12.60 -27.18
C TRP A 163 19.31 -13.36 -26.77
N VAL A 164 19.97 -13.96 -27.78
CA VAL A 164 21.20 -14.67 -27.61
C VAL A 164 22.24 -13.85 -28.34
N LEU A 165 23.18 -13.29 -27.58
CA LEU A 165 24.32 -12.54 -28.13
C LEU A 165 25.56 -13.14 -27.50
N GLN A 166 26.63 -13.23 -28.30
CA GLN A 166 27.93 -13.78 -27.87
C GLN A 166 29.04 -12.76 -28.15
N THR A 167 30.00 -12.64 -27.24
CA THR A 167 31.15 -11.73 -27.40
C THR A 167 32.05 -12.19 -28.57
N PRO A 168 32.84 -11.28 -29.16
CA PRO A 168 33.65 -11.70 -30.33
C PRO A 168 34.61 -12.87 -30.05
N ASP A 169 35.27 -12.81 -28.88
CA ASP A 169 36.19 -13.90 -28.46
C ASP A 169 35.49 -15.18 -27.98
N LYS A 170 34.15 -15.22 -28.01
CA LYS A 170 33.36 -16.39 -27.58
C LYS A 170 33.40 -16.76 -26.07
N SER A 171 33.89 -15.88 -25.21
CA SER A 171 34.00 -16.20 -23.79
C SER A 171 32.70 -16.01 -22.99
N TRP A 172 31.71 -15.36 -23.59
CA TRP A 172 30.49 -15.05 -22.84
C TRP A 172 29.29 -15.08 -23.76
N THR A 173 28.34 -15.97 -23.47
CA THR A 173 27.11 -16.04 -24.26
C THR A 173 25.98 -15.61 -23.39
N ASN A 174 25.40 -14.45 -23.69
CA ASN A 174 24.38 -13.88 -22.84
C ASN A 174 22.98 -14.19 -23.33
N TRP A 175 22.09 -14.57 -22.41
CA TRP A 175 20.67 -14.78 -22.73
C TRP A 175 19.88 -13.79 -21.88
N SER A 176 19.09 -12.94 -22.52
CA SER A 176 18.31 -11.95 -21.78
C SER A 176 17.03 -11.57 -22.47
N ILE A 177 16.15 -10.86 -21.76
CA ILE A 177 14.91 -10.34 -22.33
C ILE A 177 15.08 -8.86 -22.49
N ALA A 178 14.61 -8.34 -23.60
CA ALA A 178 14.56 -6.89 -23.84
C ALA A 178 13.50 -6.72 -24.87
N ARG A 179 12.82 -5.59 -24.83
CA ARG A 179 11.65 -5.42 -25.67
C ARG A 179 12.08 -5.26 -27.09
N GLY A 180 11.13 -5.50 -27.99
CA GLY A 180 11.37 -5.41 -29.41
C GLY A 180 10.11 -5.19 -30.21
N MET A 181 10.16 -4.24 -31.12
CA MET A 181 9.02 -3.97 -31.97
C MET A 181 9.39 -4.10 -33.44
N VAL A 182 8.40 -4.43 -34.26
CA VAL A 182 8.62 -4.61 -35.68
C VAL A 182 8.91 -3.25 -36.27
N HIS A 183 10.02 -3.15 -37.00
CA HIS A 183 10.39 -1.90 -37.68
C HIS A 183 9.93 -1.95 -39.13
N ASP A 184 10.19 -3.05 -39.81
CA ASP A 184 9.70 -3.19 -41.19
C ASP A 184 9.59 -4.66 -41.52
N SER A 185 9.32 -4.99 -42.76
CA SER A 185 9.27 -6.43 -43.14
C SER A 185 10.30 -7.36 -42.50
N LYS A 186 11.52 -6.90 -42.31
CA LYS A 186 12.64 -7.81 -42.09
C LYS A 186 13.43 -7.44 -40.85
N SER A 187 12.79 -6.81 -39.88
CA SER A 187 13.53 -6.02 -38.94
C SER A 187 12.81 -5.66 -37.67
N ILE A 188 13.57 -5.72 -36.57
CA ILE A 188 13.07 -5.41 -35.25
C ILE A 188 14.01 -4.44 -34.61
N THR A 189 13.46 -3.45 -33.91
CA THR A 189 14.24 -2.58 -33.03
C THR A 189 13.71 -2.69 -31.62
N GLY A 190 14.60 -2.49 -30.67
CA GLY A 190 14.23 -2.53 -29.28
C GLY A 190 15.25 -1.81 -28.47
N LEU A 191 15.00 -1.67 -27.18
CA LEU A 191 15.96 -1.10 -26.23
C LEU A 191 17.26 -1.86 -26.11
N VAL A 192 18.34 -1.09 -26.03
CA VAL A 192 19.69 -1.55 -25.90
C VAL A 192 20.36 -0.44 -25.09
N ILE A 193 20.29 -0.48 -23.76
CA ILE A 193 20.79 0.64 -22.94
C ILE A 193 21.76 0.20 -21.88
N ASN A 194 22.57 1.13 -21.42
CA ASN A 194 23.47 0.89 -20.33
C ASN A 194 22.65 0.59 -19.09
N PRO A 195 23.13 -0.32 -18.22
CA PRO A 195 24.30 -1.22 -18.34
C PRO A 195 23.90 -2.66 -18.71
N GLN A 196 22.81 -2.78 -19.49
CA GLN A 196 22.26 -4.08 -19.83
C GLN A 196 23.21 -4.92 -20.66
N HIS A 197 23.17 -6.23 -20.45
CA HIS A 197 24.09 -7.08 -21.16
C HIS A 197 23.95 -7.06 -22.70
N VAL A 198 22.75 -6.90 -23.23
CA VAL A 198 22.61 -6.79 -24.70
C VAL A 198 23.51 -5.67 -25.23
N LYS A 199 23.70 -4.61 -24.42
CA LYS A 199 24.62 -3.51 -24.74
C LYS A 199 26.08 -3.79 -24.44
N GLN A 200 26.41 -4.26 -23.24
CA GLN A 200 27.77 -4.70 -22.91
C GLN A 200 28.39 -5.56 -24.00
N VAL A 201 27.64 -6.58 -24.41
CA VAL A 201 28.12 -7.57 -25.37
C VAL A 201 28.27 -6.96 -26.74
N SER A 202 27.30 -6.17 -27.15
CA SER A 202 27.37 -5.56 -28.46
C SER A 202 28.42 -4.43 -28.47
N ASP A 203 28.68 -3.82 -27.29
CA ASP A 203 29.71 -2.77 -27.12
C ASP A 203 31.06 -3.37 -27.52
N ALA A 204 31.21 -4.69 -27.35
CA ALA A 204 32.45 -5.37 -27.63
C ALA A 204 32.63 -5.49 -29.14
N TRP A 205 31.54 -5.73 -29.84
CA TRP A 205 31.60 -5.82 -31.28
C TRP A 205 31.88 -4.47 -31.88
N VAL A 206 31.41 -3.43 -31.22
CA VAL A 206 31.68 -2.06 -31.61
C VAL A 206 33.16 -1.75 -31.38
N ALA A 207 33.67 -2.10 -30.22
CA ALA A 207 35.05 -1.81 -29.90
C ALA A 207 36.01 -2.42 -30.94
N ALA A 208 35.59 -3.47 -31.63
CA ALA A 208 36.43 -4.10 -32.62
C ALA A 208 36.03 -3.73 -34.05
N GLY A 209 35.25 -2.68 -34.20
CA GLY A 209 34.82 -2.28 -35.54
C GLY A 209 33.97 -3.25 -36.35
N LYS A 210 33.14 -4.04 -35.66
CA LYS A 210 32.20 -4.92 -36.37
C LYS A 210 30.77 -4.78 -35.86
N GLY A 211 30.47 -3.61 -35.30
CA GLY A 211 29.15 -3.30 -34.78
C GLY A 211 28.03 -3.17 -35.78
N ASP A 212 28.25 -3.45 -37.05
CA ASP A 212 27.12 -3.55 -37.98
C ASP A 212 26.66 -4.98 -38.21
N LYS A 213 27.50 -5.94 -37.84
CA LYS A 213 27.20 -7.35 -38.13
C LYS A 213 27.47 -8.22 -36.91
N ILE A 214 26.68 -7.95 -35.87
CA ILE A 214 26.68 -8.69 -34.58
C ILE A 214 25.65 -9.83 -34.67
N PRO A 215 26.11 -11.08 -34.64
CA PRO A 215 25.16 -12.18 -34.69
C PRO A 215 24.20 -12.21 -33.50
N PHE A 216 22.92 -12.50 -33.80
CA PHE A 216 21.92 -12.68 -32.78
C PHE A 216 20.96 -13.80 -33.14
N ALA A 217 20.39 -14.42 -32.09
CA ALA A 217 19.17 -15.22 -32.21
C ALA A 217 18.17 -14.63 -31.23
N LEU A 218 16.90 -14.76 -31.57
CA LEU A 218 15.83 -14.28 -30.78
C LEU A 218 14.88 -15.45 -30.72
N CYS A 219 14.67 -15.99 -29.51
CA CYS A 219 14.05 -17.31 -29.34
C CYS A 219 12.75 -17.19 -28.60
N PHE A 220 11.67 -17.72 -29.16
CA PHE A 220 10.33 -17.64 -28.50
C PHE A 220 9.91 -19.01 -28.00
N GLY A 221 9.30 -19.04 -26.82
CA GLY A 221 8.87 -20.32 -26.24
C GLY A 221 10.04 -21.19 -25.83
N VAL A 222 11.08 -20.56 -25.33
CA VAL A 222 12.26 -21.28 -24.87
C VAL A 222 11.92 -22.04 -23.59
N PRO A 223 12.84 -22.87 -23.09
CA PRO A 223 12.66 -23.53 -21.82
C PRO A 223 12.37 -22.53 -20.72
N PRO A 224 11.22 -22.65 -20.07
CA PRO A 224 10.80 -21.72 -19.04
C PRO A 224 11.88 -21.37 -17.99
N ALA A 225 12.74 -22.29 -17.59
CA ALA A 225 13.82 -21.91 -16.69
C ALA A 225 14.77 -20.94 -17.40
N ALA A 226 14.96 -21.15 -18.71
CA ALA A 226 15.83 -20.28 -19.51
C ALA A 226 15.28 -18.85 -19.62
N ILE A 227 13.96 -18.72 -19.80
CA ILE A 227 13.37 -17.40 -19.93
C ILE A 227 13.35 -16.75 -18.55
N LEU A 228 13.15 -17.52 -17.49
CA LEU A 228 13.26 -16.92 -16.13
C LEU A 228 14.67 -16.25 -15.94
N VAL A 229 15.73 -17.06 -16.06
CA VAL A 229 17.09 -16.51 -15.95
C VAL A 229 17.38 -15.41 -16.98
N SER A 230 16.80 -15.51 -18.17
CA SER A 230 16.94 -14.49 -19.18
C SER A 230 16.50 -13.16 -18.57
N SER A 231 15.59 -13.23 -17.64
CA SER A 231 15.12 -12.04 -16.95
C SER A 231 15.89 -11.63 -15.66
N MET A 232 16.86 -12.43 -15.24
CA MET A 232 17.64 -12.23 -14.00
C MET A 232 19.00 -11.60 -14.27
N PRO A 233 19.42 -10.60 -13.48
CA PRO A 233 20.73 -9.99 -13.69
C PRO A 233 21.85 -10.73 -12.98
N ILE A 234 22.24 -11.89 -13.54
CA ILE A 234 23.44 -12.59 -13.08
C ILE A 234 24.70 -11.84 -13.56
N PRO A 235 25.86 -12.29 -13.12
CA PRO A 235 26.95 -11.31 -13.23
C PRO A 235 27.40 -10.97 -14.66
N ASP A 236 27.98 -9.78 -14.82
CA ASP A 236 28.75 -9.44 -16.04
C ASP A 236 29.61 -10.63 -16.42
N GLY A 237 29.69 -10.95 -17.70
CA GLY A 237 30.58 -12.04 -18.14
C GLY A 237 30.03 -13.44 -17.92
N ALA A 238 28.87 -13.56 -17.28
CA ALA A 238 28.36 -14.88 -16.94
C ALA A 238 27.46 -15.47 -18.04
N THR A 239 27.70 -16.73 -18.43
CA THR A 239 26.86 -17.38 -19.40
C THR A 239 25.63 -17.96 -18.69
N GLU A 240 24.44 -17.36 -18.93
CA GLU A 240 23.18 -17.79 -18.33
C GLU A 240 22.94 -19.29 -18.49
N ALA A 241 23.20 -19.85 -19.67
CA ALA A 241 22.97 -21.30 -19.91
C ALA A 241 23.46 -22.24 -18.80
N GLU A 242 24.56 -21.89 -18.13
CA GLU A 242 25.19 -22.76 -17.15
C GLU A 242 24.42 -22.74 -15.81
N TYR A 243 23.92 -21.57 -15.41
CA TYR A 243 23.04 -21.45 -14.23
C TYR A 243 21.72 -22.14 -14.55
N ILE A 244 21.22 -21.97 -15.78
CA ILE A 244 19.94 -22.63 -16.10
C ILE A 244 20.06 -24.14 -15.95
N GLY A 245 21.17 -24.69 -16.43
CA GLY A 245 21.47 -26.11 -16.26
C GLY A 245 21.45 -26.62 -14.80
N GLY A 246 22.09 -25.89 -13.91
CA GLY A 246 22.10 -26.28 -12.51
C GLY A 246 20.66 -26.30 -11.99
N LEU A 247 19.96 -25.21 -12.25
CA LEU A 247 18.60 -25.04 -11.76
C LEU A 247 17.76 -26.24 -12.20
N CYS A 248 18.02 -26.73 -13.41
CA CYS A 248 17.28 -27.88 -13.91
C CYS A 248 17.96 -29.24 -13.56
N ASN A 249 19.07 -29.22 -12.80
CA ASN A 249 19.90 -30.42 -12.57
C ASN A 249 20.08 -31.21 -13.88
N GLN A 250 20.31 -30.48 -14.96
CA GLN A 250 20.29 -31.03 -16.29
C GLN A 250 20.67 -30.00 -17.36
N ALA A 251 21.67 -30.35 -18.19
CA ALA A 251 22.12 -29.57 -19.35
C ALA A 251 20.99 -29.14 -20.28
N VAL A 252 20.89 -27.85 -20.57
CA VAL A 252 19.97 -27.42 -21.60
C VAL A 252 20.41 -27.93 -22.97
N PRO A 253 19.60 -28.80 -23.54
CA PRO A 253 19.91 -29.21 -24.89
C PRO A 253 19.79 -28.06 -25.91
N VAL A 254 20.84 -27.84 -26.68
CA VAL A 254 20.91 -26.74 -27.64
C VAL A 254 21.32 -27.22 -29.03
N VAL A 255 20.93 -26.42 -30.02
CA VAL A 255 21.28 -26.66 -31.40
C VAL A 255 21.86 -25.40 -32.02
N LYS A 256 22.71 -25.59 -33.03
CA LYS A 256 23.29 -24.48 -33.77
C LYS A 256 22.28 -23.81 -34.71
N CYS A 257 22.33 -22.49 -34.80
CA CYS A 257 21.50 -21.79 -35.79
C CYS A 257 21.75 -22.28 -37.24
N GLU A 258 20.81 -21.99 -38.15
CA GLU A 258 21.08 -22.18 -39.58
C GLU A 258 22.07 -21.21 -40.21
N THR A 259 22.07 -19.94 -39.83
CA THR A 259 22.84 -18.91 -40.54
C THR A 259 23.87 -18.15 -39.71
N ASN A 260 24.01 -18.48 -38.42
CA ASN A 260 25.20 -18.11 -37.68
C ASN A 260 25.60 -19.27 -36.79
N ASP A 261 26.70 -19.13 -36.03
CA ASP A 261 27.20 -20.20 -35.14
C ASP A 261 26.73 -20.03 -33.69
N LEU A 262 25.70 -19.22 -33.45
CA LEU A 262 25.10 -19.19 -32.14
C LEU A 262 24.32 -20.49 -31.89
N GLU A 263 24.26 -20.88 -30.62
CA GLU A 263 23.48 -22.03 -30.16
C GLU A 263 22.25 -21.57 -29.46
N VAL A 264 21.14 -22.18 -29.80
CA VAL A 264 19.88 -21.84 -29.21
C VAL A 264 19.22 -23.10 -28.67
N PRO A 265 18.27 -22.96 -27.72
CA PRO A 265 17.70 -24.17 -27.14
C PRO A 265 16.98 -25.05 -28.16
N ALA A 266 17.20 -26.36 -28.07
CA ALA A 266 16.49 -27.35 -28.89
C ALA A 266 14.97 -27.15 -28.88
N ASP A 267 14.41 -26.86 -27.72
CA ASP A 267 12.96 -26.68 -27.59
C ASP A 267 12.58 -25.22 -27.52
N CYS A 268 12.35 -24.64 -28.70
CA CYS A 268 11.76 -23.32 -28.78
C CYS A 268 10.56 -23.48 -29.67
N GLU A 269 9.69 -22.48 -29.69
CA GLU A 269 8.60 -22.47 -30.65
C GLU A 269 9.08 -21.84 -31.95
N MET A 270 9.85 -20.75 -31.85
CA MET A 270 10.35 -20.04 -33.02
C MET A 270 11.66 -19.39 -32.67
N VAL A 271 12.59 -19.45 -33.64
CA VAL A 271 13.89 -18.80 -33.53
C VAL A 271 14.06 -17.87 -34.71
N PHE A 272 14.50 -16.65 -34.42
CA PHE A 272 14.74 -15.62 -35.40
C PHE A 272 16.26 -15.44 -35.40
N GLU A 273 16.90 -15.40 -36.56
CA GLU A 273 18.36 -15.25 -36.65
C GLU A 273 18.71 -14.04 -37.45
N GLY A 274 19.71 -13.27 -37.05
CA GLY A 274 20.17 -12.16 -37.90
C GLY A 274 21.41 -11.40 -37.48
N TYR A 275 21.43 -10.09 -37.71
CA TYR A 275 22.52 -9.23 -37.31
C TYR A 275 21.96 -8.03 -36.57
N LEU A 276 22.42 -7.83 -35.34
CA LEU A 276 22.13 -6.58 -34.62
C LEU A 276 23.06 -5.53 -35.21
N ASP A 277 22.45 -4.43 -35.66
CA ASP A 277 23.16 -3.39 -36.36
C ASP A 277 23.20 -2.18 -35.49
N ARG A 278 24.36 -1.95 -34.91
CA ARG A 278 24.47 -0.91 -33.95
C ARG A 278 24.94 0.41 -34.59
N ASP A 279 25.08 0.33 -35.93
CA ASP A 279 25.51 1.41 -36.76
C ASP A 279 24.35 2.15 -37.38
N THR A 280 23.13 1.66 -37.19
CA THR A 280 21.99 2.40 -37.75
C THR A 280 20.92 2.52 -36.67
N LEU A 281 20.52 3.75 -36.41
CA LEU A 281 19.48 4.02 -35.45
C LEU A 281 18.15 4.12 -36.15
N VAL A 282 17.09 3.66 -35.48
CA VAL A 282 15.73 3.80 -35.99
C VAL A 282 14.78 4.17 -34.82
N ARG A 283 13.54 4.58 -35.14
CA ARG A 283 12.55 4.96 -34.13
C ARG A 283 12.02 3.72 -33.44
N GLU A 284 12.12 3.66 -32.10
CA GLU A 284 11.46 2.59 -31.30
C GLU A 284 10.55 3.18 -30.23
N GLY A 285 9.34 2.68 -30.30
CA GLY A 285 8.19 3.60 -30.17
C GLY A 285 8.06 3.51 -28.71
N PRO A 286 7.30 4.43 -28.10
CA PRO A 286 7.05 4.24 -26.69
C PRO A 286 6.33 2.92 -26.53
N PHE A 287 6.41 2.37 -25.33
CA PHE A 287 5.72 1.15 -24.95
C PHE A 287 5.13 1.37 -23.55
N GLY A 288 3.95 0.83 -23.30
CA GLY A 288 3.40 0.74 -21.96
C GLY A 288 4.24 -0.22 -21.13
N GLU A 289 4.93 0.30 -20.12
N GLU A 289 4.75 0.29 -20.03
CA GLU A 289 5.95 -0.47 -19.41
CA GLU A 289 5.88 -0.34 -19.36
C GLU A 289 5.69 -0.59 -17.92
C GLU A 289 5.64 -0.62 -17.88
N MET A 290 6.67 -1.18 -17.25
CA MET A 290 6.60 -1.70 -15.89
C MET A 290 6.13 -0.80 -14.75
N HIS A 291 6.09 0.51 -14.95
CA HIS A 291 5.61 1.39 -13.92
C HIS A 291 4.18 1.79 -14.16
N GLY A 292 3.58 1.26 -15.22
CA GLY A 292 2.16 1.44 -15.46
C GLY A 292 1.74 2.55 -16.42
N TYR A 293 2.71 3.19 -17.09
CA TYR A 293 2.42 4.22 -18.12
C TYR A 293 2.87 3.84 -19.55
N CYS A 294 2.14 4.35 -20.53
CA CYS A 294 2.68 4.59 -21.88
C CYS A 294 2.60 6.09 -22.11
N PHE A 295 3.72 6.69 -22.48
CA PHE A 295 3.77 8.12 -22.73
C PHE A 295 3.87 8.30 -24.26
N PRO A 296 2.73 8.53 -24.94
CA PRO A 296 2.72 8.27 -26.36
C PRO A 296 3.59 9.21 -27.18
N LYS A 297 3.93 10.37 -26.62
CA LYS A 297 4.76 11.34 -27.34
C LYS A 297 6.25 11.14 -27.09
N ASP A 298 6.62 10.33 -26.09
CA ASP A 298 8.03 9.96 -25.86
C ASP A 298 8.60 9.15 -27.03
N HIS A 299 9.58 9.74 -27.71
CA HIS A 299 10.26 9.08 -28.84
C HIS A 299 11.76 9.10 -28.64
N HIS A 300 12.40 8.02 -29.10
CA HIS A 300 13.84 7.94 -29.13
C HIS A 300 14.28 6.89 -30.13
N THR A 301 15.56 6.93 -30.46
CA THR A 301 16.14 6.07 -31.48
C THR A 301 16.88 4.92 -30.86
N GLN A 302 16.87 3.77 -31.53
CA GLN A 302 17.48 2.55 -30.99
C GLN A 302 18.04 1.70 -32.16
N PRO A 303 19.03 0.82 -31.85
CA PRO A 303 19.65 -0.02 -32.88
C PRO A 303 18.68 -0.95 -33.60
N LEU A 304 19.15 -1.61 -34.65
CA LEU A 304 18.27 -2.37 -35.53
C LEU A 304 18.73 -3.76 -35.70
N TYR A 305 17.83 -4.71 -35.42
CA TYR A 305 18.10 -6.12 -35.57
C TYR A 305 17.55 -6.54 -36.91
N ARG A 306 18.42 -7.00 -37.79
CA ARG A 306 18.02 -7.38 -39.12
C ARG A 306 17.89 -8.85 -39.10
N VAL A 307 16.68 -9.35 -39.28
CA VAL A 307 16.37 -10.81 -39.26
C VAL A 307 16.61 -11.40 -40.65
N ASN A 308 17.50 -12.39 -40.77
CA ASN A 308 17.78 -13.10 -42.02
C ASN A 308 17.12 -14.47 -42.10
N HIS A 309 16.68 -15.04 -40.99
CA HIS A 309 16.20 -16.42 -40.99
C HIS A 309 15.16 -16.58 -39.91
N ILE A 310 14.34 -17.63 -40.01
CA ILE A 310 13.38 -17.99 -38.97
C ILE A 310 13.15 -19.48 -39.10
N SER A 311 13.19 -20.16 -37.96
CA SER A 311 12.86 -21.57 -37.90
C SER A 311 11.71 -21.63 -36.90
N TYR A 312 10.75 -22.54 -37.10
CA TYR A 312 9.58 -22.63 -36.23
C TYR A 312 8.89 -23.98 -36.33
N ARG A 313 8.28 -24.41 -35.24
CA ARG A 313 7.66 -25.72 -35.18
C ARG A 313 6.22 -25.67 -35.70
N ASP A 314 5.58 -26.83 -35.78
CA ASP A 314 4.15 -26.90 -36.07
C ASP A 314 3.42 -26.12 -34.99
N GLN A 315 2.55 -25.24 -35.42
CA GLN A 315 1.55 -24.67 -34.55
C GLN A 315 2.21 -23.88 -33.43
N ALA A 316 3.05 -22.92 -33.83
CA ALA A 316 3.95 -22.27 -32.89
C ALA A 316 3.15 -21.42 -31.90
N ILE A 317 3.62 -21.39 -30.67
CA ILE A 317 2.97 -20.57 -29.64
C ILE A 317 3.94 -19.48 -29.19
N MET A 318 3.47 -18.24 -29.22
CA MET A 318 4.31 -17.22 -28.70
C MET A 318 3.90 -16.72 -27.33
N PRO A 319 4.81 -16.82 -26.35
CA PRO A 319 4.52 -16.15 -25.11
C PRO A 319 4.72 -14.65 -25.24
N ILE A 320 4.02 -13.93 -24.37
CA ILE A 320 3.81 -12.50 -24.48
C ILE A 320 3.75 -11.97 -23.04
N SER A 321 4.33 -10.79 -22.79
CA SER A 321 4.08 -9.99 -21.58
C SER A 321 3.62 -8.55 -21.90
N ASN A 322 2.59 -8.12 -21.19
CA ASN A 322 1.92 -6.87 -21.49
C ASN A 322 1.98 -6.06 -20.24
N PRO A 323 3.04 -5.27 -20.08
CA PRO A 323 3.35 -4.64 -18.82
C PRO A 323 2.44 -3.47 -18.53
N GLY A 324 2.17 -3.28 -17.25
CA GLY A 324 1.45 -2.13 -16.77
C GLY A 324 1.43 -2.08 -15.25
N LEU A 325 0.24 -1.88 -14.70
CA LEU A 325 0.07 -1.87 -13.25
C LEU A 325 0.40 -3.21 -12.71
N CYS A 326 0.63 -3.30 -11.40
CA CYS A 326 0.96 -4.57 -10.83
C CYS A 326 -0.37 -5.32 -10.77
N THR A 327 -0.33 -6.65 -10.91
CA THR A 327 0.98 -7.34 -11.05
C THR A 327 1.18 -8.22 -12.33
N ASP A 328 2.39 -8.20 -12.89
CA ASP A 328 2.71 -8.82 -14.19
C ASP A 328 4.16 -9.25 -14.21
N GLU A 329 4.62 -9.89 -15.28
CA GLU A 329 6.02 -10.34 -15.38
C GLU A 329 7.04 -9.24 -15.12
N THR A 330 6.72 -7.99 -15.41
CA THR A 330 7.70 -6.94 -15.13
C THR A 330 7.72 -6.65 -13.63
N HIS A 331 6.93 -7.41 -12.86
CA HIS A 331 6.99 -7.31 -11.41
C HIS A 331 7.52 -8.64 -10.80
N THR A 332 6.87 -9.74 -11.13
CA THR A 332 7.24 -11.02 -10.57
C THR A 332 8.63 -11.43 -11.05
N LEU A 333 8.94 -11.16 -12.31
CA LEU A 333 10.21 -11.59 -12.83
C LEU A 333 11.25 -10.46 -12.74
N ILE A 334 10.90 -9.24 -13.09
CA ILE A 334 11.92 -8.20 -13.07
C ILE A 334 12.24 -7.90 -11.62
N GLY A 335 11.22 -7.67 -10.82
CA GLY A 335 11.47 -7.45 -9.40
C GLY A 335 11.91 -8.68 -8.59
N GLY A 336 11.25 -9.81 -8.81
CA GLY A 336 11.53 -11.02 -8.06
C GLY A 336 12.95 -11.42 -8.26
N LEU A 337 13.42 -11.27 -9.50
CA LEU A 337 14.72 -11.79 -9.85
C LEU A 337 15.79 -10.79 -9.51
N VAL A 338 15.48 -9.50 -9.56
CA VAL A 338 16.36 -8.53 -8.90
C VAL A 338 16.50 -8.88 -7.42
N SER A 339 15.38 -9.23 -6.80
CA SER A 339 15.38 -9.58 -5.36
C SER A 339 16.26 -10.78 -5.08
N ALA A 340 16.12 -11.82 -5.91
CA ALA A 340 16.90 -13.02 -5.78
C ALA A 340 18.38 -12.73 -6.00
N GLU A 341 18.75 -12.06 -7.07
CA GLU A 341 20.18 -11.78 -7.21
C GLU A 341 20.70 -10.90 -6.04
N THR A 342 19.93 -9.93 -5.56
CA THR A 342 20.43 -9.07 -4.51
C THR A 342 20.60 -9.87 -3.20
N LYS A 343 19.75 -10.87 -3.01
CA LYS A 343 19.87 -11.74 -1.83
C LYS A 343 21.18 -12.49 -1.98
N TYR A 344 21.44 -13.07 -3.15
CA TYR A 344 22.65 -13.81 -3.33
C TYR A 344 23.84 -12.91 -3.02
N LEU A 345 23.96 -11.80 -3.72
CA LEU A 345 25.10 -10.91 -3.55
C LEU A 345 25.30 -10.46 -2.09
N ILE A 346 24.21 -10.28 -1.34
CA ILE A 346 24.26 -9.73 0.03
C ILE A 346 24.83 -10.79 0.99
N SER A 347 24.27 -11.96 0.89
CA SER A 347 24.87 -13.24 1.27
C SER A 347 26.38 -13.36 1.29
N GLN A 348 27.02 -12.76 0.31
CA GLN A 348 28.45 -12.87 0.18
C GLN A 348 29.13 -11.67 0.79
N HIS A 349 28.37 -10.72 1.33
CA HIS A 349 28.92 -9.51 1.96
C HIS A 349 29.21 -9.80 3.40
N PRO A 350 30.49 -9.63 3.82
CA PRO A 350 30.89 -10.05 5.17
C PRO A 350 30.07 -9.44 6.31
N VAL A 351 29.58 -8.23 6.14
CA VAL A 351 28.77 -7.56 7.18
C VAL A 351 27.25 -7.78 6.98
N LEU A 352 26.80 -7.45 5.77
CA LEU A 352 25.38 -7.49 5.38
C LEU A 352 24.79 -8.92 5.43
N SER A 353 25.62 -9.94 5.24
CA SER A 353 25.17 -11.33 5.40
C SER A 353 24.86 -11.74 6.81
N LYS A 354 25.34 -11.02 7.80
CA LYS A 354 25.04 -11.35 9.21
C LYS A 354 23.66 -10.87 9.66
N ILE A 355 23.19 -9.77 9.06
CA ILE A 355 21.97 -9.08 9.48
C ILE A 355 20.80 -9.12 8.53
N VAL A 356 21.04 -9.34 7.24
CA VAL A 356 19.95 -9.29 6.25
C VAL A 356 19.31 -10.63 6.09
N GLU A 357 18.03 -10.72 6.45
CA GLU A 357 17.32 -12.00 6.39
C GLU A 357 16.73 -12.30 5.03
N ASP A 358 16.31 -11.25 4.32
CA ASP A 358 15.52 -11.38 3.08
C ASP A 358 15.42 -10.01 2.45
N VAL A 359 15.25 -9.97 1.13
CA VAL A 359 14.93 -8.75 0.42
C VAL A 359 13.84 -9.07 -0.58
N PHE A 360 12.97 -8.10 -0.86
CA PHE A 360 11.92 -8.31 -1.82
C PHE A 360 11.45 -7.01 -2.33
N THR A 361 11.06 -7.00 -3.60
CA THR A 361 10.53 -5.81 -4.29
C THR A 361 9.02 -5.89 -4.25
N PRO A 362 8.39 -5.10 -3.39
CA PRO A 362 6.94 -5.22 -3.34
C PRO A 362 6.36 -4.83 -4.68
N TYR A 363 5.42 -5.61 -5.18
CA TYR A 363 4.86 -5.33 -6.50
C TYR A 363 4.05 -4.03 -6.54
N GLU A 364 3.46 -3.68 -5.40
CA GLU A 364 2.65 -2.47 -5.22
C GLU A 364 3.42 -1.22 -5.60
N ALA A 365 4.76 -1.29 -5.51
CA ALA A 365 5.64 -0.17 -5.79
C ALA A 365 6.27 -0.24 -7.17
N GLN A 366 5.77 -1.14 -8.02
CA GLN A 366 6.25 -1.30 -9.43
C GLN A 366 7.78 -1.55 -9.53
N ALA A 367 8.34 -2.19 -8.50
CA ALA A 367 9.70 -2.63 -8.52
C ALA A 367 10.64 -1.45 -8.48
N LEU A 368 10.18 -0.38 -7.84
CA LEU A 368 11.00 0.80 -7.51
C LEU A 368 11.51 0.74 -6.07
N TRP A 369 10.93 -0.13 -5.24
CA TRP A 369 11.32 -0.22 -3.82
C TRP A 369 11.90 -1.55 -3.57
N LEU A 370 12.87 -1.61 -2.69
CA LEU A 370 13.39 -2.93 -2.25
C LEU A 370 13.31 -2.93 -0.75
N ALA A 371 12.50 -3.81 -0.19
CA ALA A 371 12.43 -3.97 1.24
C ALA A 371 13.61 -4.82 1.64
N VAL A 372 14.26 -4.44 2.74
CA VAL A 372 15.39 -5.22 3.29
C VAL A 372 15.13 -5.62 4.73
N LYS A 373 14.88 -6.89 4.98
CA LYS A 373 14.50 -7.34 6.30
C LYS A 373 15.72 -7.67 7.18
N ILE A 374 15.90 -6.89 8.25
CA ILE A 374 17.06 -6.93 9.16
C ILE A 374 16.72 -7.65 10.45
N ASN A 375 17.55 -8.64 10.80
CA ASN A 375 17.58 -9.25 12.11
C ASN A 375 18.12 -8.27 13.16
N THR A 376 17.26 -7.69 13.98
CA THR A 376 17.69 -6.70 15.00
C THR A 376 18.71 -7.22 16.04
N HIS A 377 18.60 -8.49 16.45
CA HIS A 377 19.53 -9.09 17.41
C HIS A 377 20.96 -9.04 16.92
N GLU A 378 21.17 -9.47 15.69
CA GLU A 378 22.47 -9.35 15.08
C GLU A 378 22.79 -7.91 14.78
N LEU A 379 21.76 -7.06 14.62
CA LEU A 379 22.00 -5.64 14.35
C LEU A 379 22.66 -4.94 15.54
N VAL A 380 22.23 -5.31 16.73
CA VAL A 380 22.84 -4.72 17.95
C VAL A 380 24.36 -5.02 18.01
N LYS A 381 24.72 -6.27 17.73
CA LYS A 381 26.11 -6.68 17.78
C LYS A 381 27.04 -5.75 16.95
N LEU A 382 26.56 -5.30 15.80
CA LEU A 382 27.31 -4.41 14.91
C LEU A 382 27.62 -3.06 15.51
N LYS A 383 26.87 -2.66 16.53
CA LYS A 383 27.12 -1.40 17.24
C LYS A 383 27.16 -0.28 16.20
N THR A 384 26.05 -0.12 15.48
CA THR A 384 25.99 0.86 14.42
C THR A 384 24.80 1.81 14.66
N ASN A 385 24.49 2.62 13.64
CA ASN A 385 23.33 3.52 13.68
C ASN A 385 22.63 3.65 12.29
N ALA A 386 21.51 4.34 12.24
CA ALA A 386 20.79 4.50 10.99
C ALA A 386 21.64 5.04 9.80
N LYS A 387 22.32 6.16 9.97
CA LYS A 387 23.08 6.77 8.87
C LYS A 387 24.17 5.84 8.37
N GLU A 388 24.92 5.26 9.29
CA GLU A 388 26.05 4.43 8.89
C GLU A 388 25.62 3.09 8.24
N LEU A 389 24.52 2.49 8.71
CA LEU A 389 24.02 1.31 8.04
C LEU A 389 23.47 1.69 6.66
N SER A 390 22.87 2.86 6.56
CA SER A 390 22.30 3.30 5.29
C SER A 390 23.36 3.68 4.28
N ASN A 391 24.44 4.26 4.74
CA ASN A 391 25.60 4.56 3.88
C ASN A 391 26.22 3.26 3.35
N LEU A 392 26.37 2.26 4.23
CA LEU A 392 26.86 0.97 3.80
C LEU A 392 25.95 0.29 2.79
N VAL A 393 24.66 0.21 3.09
CA VAL A 393 23.73 -0.46 2.22
C VAL A 393 23.75 0.23 0.85
N GLY A 394 23.52 1.52 0.81
CA GLY A 394 23.40 2.18 -0.48
C GLY A 394 24.67 2.21 -1.32
N ASP A 395 25.82 2.30 -0.66
CA ASP A 395 27.06 2.27 -1.42
C ASP A 395 27.11 0.91 -2.08
N PHE A 396 26.75 -0.10 -1.30
CA PHE A 396 26.82 -1.44 -1.81
C PHE A 396 25.85 -1.74 -2.94
N LEU A 397 24.59 -1.40 -2.74
CA LEU A 397 23.54 -1.68 -3.69
C LEU A 397 23.56 -0.72 -4.90
N PHE A 398 23.92 0.55 -4.70
CA PHE A 398 23.89 1.50 -5.80
C PHE A 398 25.21 1.67 -6.55
N ARG A 399 26.33 1.42 -5.87
CA ARG A 399 27.62 1.77 -6.45
C ARG A 399 28.63 0.64 -6.57
N SER A 400 28.43 -0.48 -5.89
CA SER A 400 29.44 -1.51 -5.94
C SER A 400 29.49 -2.17 -7.32
N LYS A 401 30.67 -2.70 -7.64
CA LYS A 401 30.85 -3.51 -8.84
C LYS A 401 29.97 -4.74 -8.83
N GLU A 402 29.54 -5.14 -7.64
CA GLU A 402 28.63 -6.28 -7.50
C GLU A 402 27.23 -5.89 -7.98
N CYS A 403 26.68 -4.82 -7.42
CA CYS A 403 25.27 -4.46 -7.58
C CYS A 403 24.94 -3.24 -8.48
N TYR A 404 25.95 -2.57 -9.03
CA TYR A 404 25.73 -1.36 -9.81
C TYR A 404 24.65 -1.52 -10.87
N LYS A 405 24.69 -2.62 -11.59
CA LYS A 405 23.67 -2.94 -12.56
C LYS A 405 22.45 -3.64 -11.93
N VAL A 406 22.71 -4.61 -11.05
CA VAL A 406 21.65 -5.48 -10.52
C VAL A 406 20.52 -4.61 -9.98
N CYS A 407 20.88 -3.64 -9.13
CA CYS A 407 19.90 -2.76 -8.47
C CYS A 407 19.57 -1.47 -9.22
N SER A 408 19.94 -1.37 -10.48
CA SER A 408 19.81 -0.11 -11.21
C SER A 408 18.36 0.35 -11.28
N ILE A 409 17.41 -0.58 -11.29
CA ILE A 409 15.99 -0.19 -11.36
C ILE A 409 15.41 0.29 -10.04
N LEU A 410 16.14 0.13 -8.95
CA LEU A 410 15.59 0.35 -7.61
C LEU A 410 15.75 1.81 -7.22
N HIS A 411 14.97 2.61 -6.71
CA HIS A 411 15.08 3.91 -6.27
C HIS A 411 14.92 4.19 -4.76
N GLU A 412 14.36 3.26 -4.01
CA GLU A 412 14.22 3.44 -2.57
C GLU A 412 14.42 2.09 -1.89
N ILE A 413 15.32 2.08 -0.91
CA ILE A 413 15.66 0.86 -0.21
C ILE A 413 15.11 1.09 1.18
N ILE A 414 14.46 0.08 1.74
CA ILE A 414 13.66 0.26 2.92
C ILE A 414 14.14 -0.70 3.99
N LEU A 415 14.78 -0.20 5.02
CA LEU A 415 15.36 -1.07 6.02
C LEU A 415 14.33 -1.23 7.12
N VAL A 416 13.97 -2.48 7.42
CA VAL A 416 12.99 -2.75 8.42
C VAL A 416 13.41 -3.92 9.31
N GLY A 417 12.93 -3.93 10.55
CA GLY A 417 13.25 -4.99 11.50
C GLY A 417 12.45 -6.24 11.21
N ASP A 418 12.77 -7.31 11.92
CA ASP A 418 12.46 -8.65 11.50
C ASP A 418 11.09 -9.12 11.99
N ASP A 419 10.24 -8.20 12.46
CA ASP A 419 8.83 -8.50 12.83
C ASP A 419 7.91 -8.43 11.59
N ILE A 420 8.44 -7.85 10.51
CA ILE A 420 7.66 -7.58 9.32
C ILE A 420 7.98 -8.64 8.26
N ASP A 421 6.96 -9.37 7.84
CA ASP A 421 7.06 -10.26 6.68
C ASP A 421 7.03 -9.32 5.48
N ILE A 422 8.19 -9.05 4.91
CA ILE A 422 8.30 -8.09 3.83
C ILE A 422 7.53 -8.48 2.57
N PHE A 423 7.10 -9.74 2.50
CA PHE A 423 6.37 -10.25 1.36
C PHE A 423 4.91 -9.94 1.47
N ASP A 424 4.48 -9.48 2.64
CA ASP A 424 3.07 -9.13 2.87
C ASP A 424 2.96 -7.61 2.96
N PHE A 425 2.39 -7.00 1.93
CA PHE A 425 2.48 -5.57 1.75
C PHE A 425 1.76 -4.78 2.83
N LYS A 426 0.68 -5.35 3.40
CA LYS A 426 0.02 -4.77 4.59
C LYS A 426 0.99 -4.55 5.71
N GLN A 427 1.89 -5.50 5.90
CA GLN A 427 2.93 -5.36 6.93
C GLN A 427 3.99 -4.33 6.46
N LEU A 428 4.46 -4.42 5.22
CA LEU A 428 5.47 -3.43 4.74
C LEU A 428 4.98 -1.97 4.81
N ILE A 429 3.76 -1.70 4.30
CA ILE A 429 3.25 -0.34 4.32
C ILE A 429 2.98 0.19 5.74
N TRP A 430 2.59 -0.66 6.67
CA TRP A 430 2.48 -0.23 8.06
C TRP A 430 3.83 0.26 8.55
N ALA A 431 4.84 -0.55 8.33
CA ALA A 431 6.16 -0.25 8.83
C ALA A 431 6.72 1.00 8.15
N TYR A 432 6.36 1.25 6.90
CA TYR A 432 7.05 2.30 6.16
C TYR A 432 6.53 3.65 6.59
N THR A 433 5.23 3.71 6.86
CA THR A 433 4.61 4.98 7.18
C THR A 433 4.78 5.28 8.67
N THR A 434 4.83 4.26 9.51
CA THR A 434 4.91 4.47 10.96
C THR A 434 6.31 4.46 11.54
N ARG A 435 7.32 4.02 10.81
CA ARG A 435 8.69 3.93 11.36
C ARG A 435 9.78 4.86 10.77
N HIS A 436 9.46 5.79 9.89
CA HIS A 436 10.52 6.67 9.35
C HIS A 436 10.00 8.09 9.29
N THR A 437 10.79 9.01 9.81
CA THR A 437 10.52 10.44 9.65
C THR A 437 10.64 10.87 8.20
N PRO A 438 9.56 11.40 7.62
CA PRO A 438 9.75 11.90 6.26
C PRO A 438 10.98 12.76 6.09
N VAL A 439 11.73 12.45 5.05
CA VAL A 439 12.97 13.16 4.66
C VAL A 439 14.13 12.92 5.64
N GLN A 440 13.91 13.09 6.95
CA GLN A 440 15.07 12.96 7.86
C GLN A 440 15.69 11.58 7.88
N ASP A 441 14.87 10.54 7.83
CA ASP A 441 15.38 9.17 7.86
C ASP A 441 15.49 8.61 6.42
N GLN A 442 15.73 9.48 5.44
CA GLN A 442 15.99 9.05 4.08
C GLN A 442 17.35 9.59 3.69
N LEU A 443 18.29 8.69 3.45
CA LEU A 443 19.65 9.12 3.08
C LEU A 443 19.72 9.20 1.56
N TYR A 444 19.89 10.41 1.01
CA TYR A 444 19.89 10.62 -0.42
C TYR A 444 21.28 10.47 -1.04
N PHE A 445 21.37 9.60 -2.04
CA PHE A 445 22.55 9.43 -2.88
C PHE A 445 22.41 10.18 -4.20
N ASP A 446 23.15 11.29 -4.35
CA ASP A 446 23.02 12.09 -5.55
C ASP A 446 23.90 11.60 -6.69
N ASP A 447 25.02 10.96 -6.39
CA ASP A 447 25.92 10.54 -7.47
C ASP A 447 25.78 9.02 -7.82
N VAL A 448 24.56 8.69 -8.25
CA VAL A 448 24.23 7.34 -8.70
C VAL A 448 23.44 7.52 -9.99
N LYS A 449 23.44 6.51 -10.86
N LYS A 449 23.44 6.51 -10.86
CA LYS A 449 22.69 6.58 -12.12
CA LYS A 449 22.69 6.58 -12.12
C LYS A 449 21.22 6.26 -11.85
C LYS A 449 21.22 6.26 -11.85
N PRO A 450 20.30 7.19 -12.20
CA PRO A 450 18.87 6.93 -12.05
C PRO A 450 18.43 5.95 -13.10
N PHE A 451 17.29 5.30 -12.87
CA PHE A 451 16.65 4.39 -13.84
C PHE A 451 15.81 5.24 -14.77
N ALA A 452 16.28 5.39 -16.01
CA ALA A 452 15.59 6.19 -17.05
C ALA A 452 14.13 5.85 -17.35
N LEU A 453 13.68 4.63 -17.10
CA LEU A 453 12.25 4.33 -17.26
C LEU A 453 11.34 4.84 -16.12
N ALA A 454 11.85 5.01 -14.89
CA ALA A 454 11.03 5.56 -13.81
C ALA A 454 10.31 6.76 -14.36
N PRO A 455 8.97 6.81 -14.16
CA PRO A 455 8.24 7.92 -14.69
C PRO A 455 8.72 9.26 -14.16
N PHE A 456 8.97 9.31 -12.84
CA PHE A 456 9.41 10.55 -12.21
C PHE A 456 10.71 11.06 -12.83
N ALA A 457 11.51 10.13 -13.39
CA ALA A 457 12.71 10.50 -14.15
C ALA A 457 12.41 10.80 -15.64
N SER A 458 11.59 9.99 -16.30
CA SER A 458 11.44 10.16 -17.74
C SER A 458 10.71 11.45 -18.08
N GLN A 459 9.79 11.86 -17.20
CA GLN A 459 9.00 13.09 -17.33
C GLN A 459 9.61 14.27 -16.58
N GLY A 460 10.68 14.03 -15.83
CA GLY A 460 11.36 15.06 -15.00
C GLY A 460 12.75 15.48 -15.47
N PRO A 461 13.50 16.18 -14.62
CA PRO A 461 14.88 16.59 -14.91
C PRO A 461 15.95 15.47 -14.87
N LEU A 462 15.68 14.37 -14.16
CA LEU A 462 16.63 13.25 -14.01
C LEU A 462 17.02 12.61 -15.34
N ILE A 463 16.20 12.81 -16.39
CA ILE A 463 16.55 12.33 -17.74
C ILE A 463 17.62 13.22 -18.39
N LYS A 464 17.48 14.54 -18.27
CA LYS A 464 18.54 15.47 -18.69
C LYS A 464 19.81 15.26 -17.81
N THR A 465 19.72 15.55 -16.51
CA THR A 465 20.90 15.38 -15.63
C THR A 465 21.55 13.95 -15.68
N ARG A 466 20.76 12.89 -15.67
CA ARG A 466 21.31 11.52 -15.56
C ARG A 466 22.05 11.29 -14.21
N GLN A 467 21.64 11.97 -13.14
CA GLN A 467 22.33 11.88 -11.84
C GLN A 467 21.39 12.01 -10.62
N GLY A 468 21.41 10.96 -9.79
CA GLY A 468 20.73 10.98 -8.51
C GLY A 468 19.39 10.31 -8.49
N GLY A 469 18.52 10.79 -7.63
CA GLY A 469 17.17 10.30 -7.52
C GLY A 469 16.94 9.15 -6.57
N LYS A 470 17.93 8.72 -5.81
CA LYS A 470 17.73 7.51 -5.00
C LYS A 470 17.94 7.75 -3.51
N CYS A 471 17.33 6.90 -2.69
CA CYS A 471 17.50 7.02 -1.27
C CYS A 471 17.40 5.69 -0.55
N VAL A 472 17.95 5.62 0.64
CA VAL A 472 17.81 4.47 1.52
C VAL A 472 17.06 4.93 2.77
N THR A 473 15.88 4.34 3.01
CA THR A 473 14.98 4.79 4.06
C THR A 473 14.99 3.84 5.20
N THR A 474 15.27 4.32 6.40
CA THR A 474 15.40 3.38 7.51
C THR A 474 14.15 3.38 8.39
N CYS A 475 13.52 2.21 8.47
CA CYS A 475 12.28 2.04 9.23
C CYS A 475 12.57 1.12 10.41
N ILE A 476 13.57 1.49 11.25
CA ILE A 476 14.04 0.74 12.41
C ILE A 476 14.31 1.77 13.49
N PHE A 477 13.65 1.63 14.61
CA PHE A 477 13.71 2.68 15.63
C PHE A 477 15.10 2.85 16.22
N PRO A 478 15.49 4.08 16.55
CA PRO A 478 16.84 4.25 17.07
C PRO A 478 17.29 3.20 18.06
N LYS A 479 16.44 2.83 19.01
CA LYS A 479 16.82 1.87 20.05
C LYS A 479 16.85 0.43 19.64
N GLN A 480 16.38 0.13 18.43
CA GLN A 480 16.54 -1.21 17.89
C GLN A 480 17.98 -1.43 17.50
N PHE A 481 18.77 -0.37 17.36
CA PHE A 481 20.21 -0.51 17.07
C PHE A 481 21.06 -0.73 18.31
N THR A 482 20.48 -0.59 19.52
CA THR A 482 21.30 -0.58 20.75
C THR A 482 20.80 -1.50 21.85
N ASP A 483 19.48 -1.64 21.96
CA ASP A 483 18.80 -2.48 22.96
C ASP A 483 18.24 -3.74 22.29
N PRO A 484 18.82 -4.91 22.60
CA PRO A 484 18.29 -6.11 21.97
C PRO A 484 16.96 -6.61 22.62
N ASP A 485 16.59 -6.03 23.76
CA ASP A 485 15.32 -6.43 24.39
C ASP A 485 14.22 -5.39 24.14
N PHE A 486 14.39 -4.56 23.11
CA PHE A 486 13.43 -3.52 22.71
C PHE A 486 12.08 -4.19 22.37
N GLU A 487 11.00 -3.75 23.01
CA GLU A 487 9.71 -4.37 22.68
C GLU A 487 8.61 -3.38 22.40
N PHE A 488 7.70 -3.82 21.53
CA PHE A 488 6.42 -3.18 21.33
C PHE A 488 5.43 -4.26 21.05
N VAL A 489 4.16 -4.01 21.35
CA VAL A 489 3.15 -4.96 21.05
C VAL A 489 2.59 -4.50 19.77
N THR A 490 2.42 -5.39 18.80
CA THR A 490 1.82 -4.96 17.57
C THR A 490 0.34 -5.23 17.72
N CYS A 491 -0.44 -4.20 17.43
CA CYS A 491 -1.86 -4.14 17.80
C CYS A 491 -2.78 -4.65 16.69
N ASN A 492 -2.61 -5.92 16.39
CA ASN A 492 -3.59 -6.64 15.60
C ASN A 492 -3.94 -7.87 16.39
N PHE A 493 -4.85 -8.69 15.86
CA PHE A 493 -5.25 -9.93 16.56
C PHE A 493 -4.08 -10.89 16.74
N ASN A 494 -3.26 -11.03 15.69
CA ASN A 494 -2.15 -11.97 15.73
C ASN A 494 -1.11 -11.51 16.75
N GLY A 495 -1.20 -10.27 17.20
CA GLY A 495 -0.25 -9.74 18.17
C GLY A 495 -0.60 -9.95 19.64
N TYR A 496 -1.72 -10.61 19.90
CA TYR A 496 -2.13 -10.90 21.23
C TYR A 496 -1.31 -12.11 21.71
N PRO A 497 -1.29 -12.33 23.05
CA PRO A 497 -0.65 -13.48 23.69
C PRO A 497 -1.18 -14.79 23.18
N GLU A 498 -0.27 -15.74 23.06
CA GLU A 498 -0.58 -17.00 22.42
C GLU A 498 -1.83 -17.66 23.07
N GLU A 499 -1.91 -17.64 24.39
CA GLU A 499 -3.01 -18.23 25.18
C GLU A 499 -4.33 -17.60 24.69
N VAL A 500 -4.32 -16.28 24.54
CA VAL A 500 -5.53 -15.55 24.18
C VAL A 500 -5.91 -15.90 22.77
N LYS A 501 -4.99 -15.76 21.83
CA LYS A 501 -5.32 -16.11 20.45
C LYS A 501 -5.91 -17.50 20.34
N ASN A 502 -5.36 -18.48 21.07
CA ASN A 502 -5.76 -19.87 20.92
C ASN A 502 -7.16 -20.11 21.44
N LYS A 503 -7.49 -19.53 22.59
CA LYS A 503 -8.83 -19.66 23.15
C LYS A 503 -9.82 -19.01 22.22
N ILE A 504 -9.54 -17.79 21.79
CA ILE A 504 -10.46 -17.04 20.96
C ILE A 504 -10.66 -17.73 19.60
N SER A 505 -9.58 -18.18 18.97
CA SER A 505 -9.68 -18.83 17.65
C SER A 505 -10.37 -20.17 17.71
N GLN A 506 -9.91 -21.03 18.61
CA GLN A 506 -10.53 -22.31 18.80
C GLN A 506 -12.04 -22.11 19.03
N ASN A 507 -12.44 -21.15 19.84
CA ASN A 507 -13.87 -21.00 20.18
C ASN A 507 -14.61 -19.91 19.37
N TRP A 508 -14.10 -19.55 18.22
CA TRP A 508 -14.75 -18.48 17.46
C TRP A 508 -16.22 -18.76 17.16
N ASP A 509 -16.60 -20.01 16.91
CA ASP A 509 -18.01 -20.33 16.57
C ASP A 509 -18.93 -20.08 17.76
N LYS A 510 -18.38 -20.12 18.97
CA LYS A 510 -19.12 -19.84 20.19
C LYS A 510 -19.40 -18.32 20.34
N TYR A 511 -18.46 -17.50 19.85
CA TYR A 511 -18.61 -16.04 19.84
C TYR A 511 -19.42 -15.52 18.68
N TYR A 512 -18.99 -15.89 17.48
CA TYR A 512 -19.64 -15.46 16.24
C TYR A 512 -20.54 -16.57 15.64
N LYS A 513 -21.66 -16.85 16.30
CA LYS A 513 -22.62 -17.87 15.83
C LYS A 513 -23.71 -17.25 14.93
N LEU B 3 -37.12 5.56 13.42
CA LEU B 3 -35.72 5.21 13.91
C LEU B 3 -34.76 6.29 13.52
N ASN B 4 -34.04 6.85 14.50
CA ASN B 4 -33.03 7.90 14.24
C ASN B 4 -31.65 7.56 14.76
N PRO B 5 -30.85 6.90 13.93
CA PRO B 5 -29.51 6.50 14.30
C PRO B 5 -28.55 7.65 14.54
N ALA B 6 -28.82 8.82 13.98
CA ALA B 6 -28.04 10.01 14.30
C ALA B 6 -28.19 10.49 15.76
N LEU B 7 -29.41 10.44 16.28
CA LEU B 7 -29.70 11.04 17.55
C LEU B 7 -29.69 10.04 18.71
N LYS B 8 -29.93 8.76 18.41
CA LYS B 8 -30.08 7.76 19.42
C LYS B 8 -29.22 6.53 19.15
N PHE B 9 -28.26 6.31 20.04
CA PHE B 9 -27.37 5.20 20.01
C PHE B 9 -28.10 3.87 19.83
N ARG B 10 -29.23 3.71 20.50
CA ARG B 10 -29.91 2.42 20.46
C ARG B 10 -30.56 2.20 19.14
N ASP B 11 -30.96 3.29 18.48
CA ASP B 11 -31.44 3.17 17.10
C ASP B 11 -30.28 2.79 16.17
N PHE B 12 -29.14 3.45 16.36
CA PHE B 12 -27.91 3.05 15.64
C PHE B 12 -27.72 1.53 15.75
N ILE B 13 -27.74 1.02 16.98
CA ILE B 13 -27.57 -0.44 17.17
C ILE B 13 -28.66 -1.22 16.43
N GLN B 14 -29.91 -0.82 16.56
CA GLN B 14 -31.03 -1.50 15.91
C GLN B 14 -30.88 -1.52 14.39
N VAL B 15 -30.46 -0.43 13.78
CA VAL B 15 -30.29 -0.43 12.32
C VAL B 15 -29.13 -1.34 11.82
N LEU B 16 -28.08 -1.53 12.62
CA LEU B 16 -27.04 -2.46 12.21
C LEU B 16 -27.61 -3.86 12.33
N LYS B 17 -28.43 -4.06 13.35
CA LYS B 17 -29.08 -5.34 13.54
C LYS B 17 -29.99 -5.62 12.36
N ASN B 18 -30.83 -4.64 12.06
CA ASN B 18 -31.69 -4.72 10.88
C ASN B 18 -30.90 -4.95 9.62
N GLU B 19 -29.68 -4.41 9.52
CA GLU B 19 -28.87 -4.58 8.30
C GLU B 19 -27.96 -5.81 8.30
N GLY B 20 -28.03 -6.62 9.35
CA GLY B 20 -27.15 -7.79 9.47
C GLY B 20 -25.70 -7.50 9.82
N ASP B 21 -25.45 -6.36 10.46
CA ASP B 21 -24.08 -5.96 10.83
C ASP B 21 -23.91 -5.91 12.34
N LEU B 22 -24.68 -6.72 13.05
CA LEU B 22 -24.55 -6.84 14.50
C LEU B 22 -24.64 -8.29 14.97
N ILE B 23 -23.82 -8.63 15.96
CA ILE B 23 -23.69 -9.99 16.47
C ILE B 23 -23.80 -9.86 17.95
N GLU B 24 -24.92 -10.29 18.50
CA GLU B 24 -25.07 -10.34 19.95
C GLU B 24 -24.25 -11.52 20.44
N ILE B 25 -23.31 -11.27 21.35
CA ILE B 25 -22.53 -12.35 21.94
C ILE B 25 -23.03 -12.60 23.36
N ASP B 26 -23.66 -13.75 23.58
CA ASP B 26 -24.24 -14.11 24.89
C ASP B 26 -23.35 -14.98 25.76
N THR B 27 -22.37 -15.64 25.14
CA THR B 27 -21.36 -16.38 25.87
C THR B 27 -20.44 -15.43 26.66
N GLU B 28 -19.90 -15.92 27.75
CA GLU B 28 -19.15 -15.06 28.66
C GLU B 28 -17.81 -14.68 28.02
N VAL B 29 -17.58 -13.36 27.91
CA VAL B 29 -16.31 -12.86 27.38
C VAL B 29 -15.63 -12.04 28.45
N ASP B 30 -14.32 -12.20 28.57
CA ASP B 30 -13.56 -11.58 29.67
C ASP B 30 -13.09 -10.21 29.22
N PRO B 31 -13.26 -9.18 30.03
CA PRO B 31 -12.72 -7.84 29.70
C PRO B 31 -11.22 -7.76 29.70
N ASN B 32 -10.56 -8.67 30.42
CA ASN B 32 -9.11 -8.84 30.34
C ASN B 32 -8.70 -9.47 29.00
N LEU B 33 -8.15 -8.63 28.10
CA LEU B 33 -7.68 -9.02 26.72
C LEU B 33 -8.72 -9.61 25.67
N GLU B 34 -9.71 -10.35 26.12
CA GLU B 34 -10.61 -11.01 25.19
C GLU B 34 -11.50 -10.07 24.41
N VAL B 35 -12.08 -9.09 25.07
CA VAL B 35 -12.90 -8.13 24.38
C VAL B 35 -12.07 -7.50 23.26
N GLY B 36 -10.80 -7.27 23.59
CA GLY B 36 -9.87 -6.64 22.67
C GLY B 36 -9.51 -7.55 21.53
N ALA B 37 -9.30 -8.82 21.82
CA ALA B 37 -8.93 -9.75 20.79
C ALA B 37 -10.15 -9.99 19.87
N ILE B 38 -11.34 -10.16 20.44
CA ILE B 38 -12.48 -10.30 19.56
C ILE B 38 -12.70 -9.06 18.66
N THR B 39 -12.54 -7.85 19.21
CA THR B 39 -12.80 -6.65 18.42
C THR B 39 -11.74 -6.54 17.34
N ARG B 40 -10.49 -6.84 17.69
CA ARG B 40 -9.43 -6.81 16.66
C ARG B 40 -9.70 -7.71 15.47
N LYS B 41 -10.18 -8.92 15.73
CA LYS B 41 -10.49 -9.85 14.62
C LYS B 41 -11.68 -9.31 13.78
N ALA B 42 -12.64 -8.70 14.44
CA ALA B 42 -13.81 -8.18 13.75
C ALA B 42 -13.50 -6.96 12.85
N TYR B 43 -12.66 -6.02 13.32
CA TYR B 43 -12.24 -4.89 12.48
C TYR B 43 -11.51 -5.44 11.27
N GLU B 44 -10.55 -6.31 11.51
CA GLU B 44 -9.59 -6.74 10.51
C GLU B 44 -10.21 -7.60 9.43
N ASN B 45 -11.27 -8.32 9.77
CA ASN B 45 -12.01 -9.17 8.83
C ASN B 45 -13.39 -8.59 8.41
N LYS B 46 -13.55 -7.32 8.79
CA LYS B 46 -14.74 -6.55 8.59
C LYS B 46 -15.96 -7.37 8.94
N LEU B 47 -15.98 -7.87 10.16
CA LEU B 47 -17.10 -8.69 10.63
C LEU B 47 -18.20 -7.81 11.19
N ALA B 48 -19.36 -8.40 11.40
CA ALA B 48 -20.39 -7.76 12.21
C ALA B 48 -19.82 -7.19 13.51
N ALA B 49 -20.39 -6.06 13.94
CA ALA B 49 -20.07 -5.42 15.21
C ALA B 49 -20.45 -6.32 16.38
N PRO B 50 -19.54 -6.56 17.34
CA PRO B 50 -19.91 -7.48 18.44
C PRO B 50 -20.58 -6.76 19.59
N LEU B 51 -21.78 -7.20 19.98
CA LEU B 51 -22.44 -6.66 21.17
C LEU B 51 -22.27 -7.72 22.20
N PHE B 52 -21.36 -7.50 23.15
CA PHE B 52 -21.08 -8.43 24.24
C PHE B 52 -22.16 -8.28 25.31
N ASN B 53 -23.05 -9.25 25.41
CA ASN B 53 -24.15 -9.19 26.38
C ASN B 53 -23.75 -9.73 27.74
N ASN B 54 -22.62 -10.44 27.84
CA ASN B 54 -22.28 -11.21 29.03
C ASN B 54 -20.81 -11.01 29.34
N LEU B 55 -20.45 -9.87 29.86
CA LEU B 55 -19.08 -9.68 30.31
C LEU B 55 -18.84 -10.40 31.66
N LYS B 56 -17.65 -10.93 31.85
CA LYS B 56 -17.30 -11.56 33.11
C LYS B 56 -17.21 -10.44 34.11
N GLN B 57 -18.03 -10.54 35.16
CA GLN B 57 -18.16 -9.48 36.15
C GLN B 57 -17.35 -9.75 37.41
N ASP B 58 -16.78 -8.68 37.95
CA ASP B 58 -16.32 -8.76 39.30
C ASP B 58 -17.56 -8.94 40.21
N PRO B 59 -17.50 -9.87 41.17
CA PRO B 59 -18.70 -10.14 41.97
C PRO B 59 -19.15 -9.01 42.82
N GLU B 60 -18.26 -8.06 43.15
CA GLU B 60 -18.63 -6.86 43.96
C GLU B 60 -19.23 -5.63 43.21
N ASN B 61 -19.49 -5.77 41.92
CA ASN B 61 -20.04 -4.69 41.10
C ASN B 61 -21.38 -4.31 41.72
N ILE B 62 -21.68 -3.02 41.82
CA ILE B 62 -22.89 -2.60 42.52
C ILE B 62 -24.22 -2.84 41.82
N ASP B 63 -24.20 -3.11 40.50
CA ASP B 63 -25.45 -3.25 39.71
C ASP B 63 -25.13 -3.88 38.36
N PRO B 64 -24.58 -5.10 38.37
CA PRO B 64 -24.21 -5.82 37.15
C PRO B 64 -25.31 -6.08 36.14
N LYS B 65 -26.57 -5.99 36.48
CA LYS B 65 -27.58 -6.23 35.45
C LYS B 65 -27.71 -5.00 34.53
N ASN B 66 -27.23 -3.87 35.01
CA ASN B 66 -27.23 -2.64 34.27
C ASN B 66 -25.82 -2.18 33.83
N LEU B 67 -24.73 -2.51 34.57
CA LEU B 67 -23.35 -1.96 34.32
C LEU B 67 -22.28 -3.01 34.09
N PHE B 68 -21.81 -3.22 32.84
CA PHE B 68 -22.44 -2.73 31.62
C PHE B 68 -22.22 -3.74 30.54
N ARG B 69 -22.85 -3.56 29.38
CA ARG B 69 -22.54 -4.33 28.20
C ARG B 69 -21.55 -3.52 27.37
N ILE B 70 -20.88 -4.16 26.44
CA ILE B 70 -20.01 -3.42 25.55
C ILE B 70 -20.43 -3.57 24.09
N LEU B 71 -20.44 -2.48 23.35
CA LEU B 71 -20.57 -2.57 21.88
C LEU B 71 -19.22 -2.34 21.24
N GLY B 72 -18.74 -3.30 20.45
CA GLY B 72 -17.48 -3.17 19.72
C GLY B 72 -17.62 -2.65 18.29
N CYS B 73 -16.54 -2.07 17.79
CA CYS B 73 -16.39 -1.72 16.38
C CYS B 73 -17.43 -0.80 15.83
N PRO B 74 -17.82 0.20 16.59
CA PRO B 74 -18.89 1.08 16.08
C PRO B 74 -18.55 1.86 14.79
N GLY B 75 -17.28 2.02 14.51
CA GLY B 75 -16.79 2.82 13.40
C GLY B 75 -15.86 2.00 12.60
N GLY B 76 -15.97 0.68 12.79
CA GLY B 76 -15.25 -0.28 11.95
C GLY B 76 -15.89 -0.36 10.57
N LEU B 77 -15.20 -1.10 9.69
CA LEU B 77 -15.65 -1.29 8.32
C LEU B 77 -16.48 -2.53 8.22
N ARG B 78 -17.46 -2.47 7.34
CA ARG B 78 -18.44 -3.52 7.15
C ARG B 78 -18.01 -4.38 5.97
N GLY B 79 -18.48 -5.61 5.94
CA GLY B 79 -17.90 -6.64 5.07
C GLY B 79 -18.60 -6.83 3.75
N PHE B 80 -19.78 -6.23 3.58
CA PHE B 80 -20.63 -6.63 2.48
C PHE B 80 -21.05 -5.56 1.46
N GLY B 81 -21.35 -4.36 1.85
CA GLY B 81 -21.76 -3.44 0.78
C GLY B 81 -20.81 -2.30 0.86
N ASN B 82 -21.34 -1.16 1.26
CA ASN B 82 -20.55 0.01 1.44
C ASN B 82 -19.81 -0.23 2.75
N ASP B 83 -18.49 -0.43 2.64
CA ASP B 83 -17.69 -0.78 3.80
C ASP B 83 -17.79 0.28 4.91
N HIS B 84 -18.17 1.53 4.54
CA HIS B 84 -18.29 2.64 5.48
C HIS B 84 -19.72 2.89 6.02
N ALA B 85 -20.60 1.90 5.87
CA ALA B 85 -21.97 1.99 6.37
C ALA B 85 -22.12 2.44 7.83
N ARG B 86 -21.24 1.99 8.74
CA ARG B 86 -21.35 2.47 10.13
C ARG B 86 -21.06 3.94 10.22
N ILE B 87 -20.12 4.45 9.43
CA ILE B 87 -19.83 5.88 9.51
C ILE B 87 -21.06 6.67 8.98
N ALA B 88 -21.64 6.20 7.87
CA ALA B 88 -22.84 6.85 7.35
C ALA B 88 -23.95 6.92 8.44
N LEU B 89 -24.24 5.81 9.11
CA LEU B 89 -25.37 5.83 10.04
C LEU B 89 -25.12 6.75 11.26
N HIS B 90 -23.87 7.06 11.58
CA HIS B 90 -23.61 7.99 12.65
C HIS B 90 -24.25 9.29 12.36
N LEU B 91 -24.24 9.67 11.07
CA LEU B 91 -24.86 10.90 10.62
C LEU B 91 -26.33 10.71 10.19
N GLY B 92 -26.81 9.48 10.18
CA GLY B 92 -28.19 9.20 9.81
C GLY B 92 -28.37 9.21 8.31
N LEU B 93 -27.30 8.92 7.58
CA LEU B 93 -27.39 8.87 6.15
C LEU B 93 -27.77 7.49 5.66
N ASP B 94 -28.25 7.39 4.42
CA ASP B 94 -28.39 6.08 3.81
C ASP B 94 -27.08 5.37 4.08
N SER B 95 -27.16 4.09 4.43
CA SER B 95 -26.01 3.28 4.82
C SER B 95 -25.07 3.00 3.69
N GLN B 96 -25.57 3.13 2.46
CA GLN B 96 -24.71 2.95 1.30
C GLN B 96 -23.98 4.23 0.88
N THR B 97 -24.12 5.32 1.63
CA THR B 97 -23.40 6.53 1.31
C THR B 97 -21.88 6.29 1.42
N PRO B 98 -21.17 6.42 0.30
CA PRO B 98 -19.73 6.25 0.31
C PRO B 98 -19.05 7.36 1.08
N MET B 99 -17.82 7.12 1.51
CA MET B 99 -17.12 8.06 2.36
C MET B 99 -16.89 9.43 1.72
N LYS B 100 -16.47 9.47 0.46
CA LYS B 100 -16.37 10.76 -0.24
C LYS B 100 -17.68 11.55 0.01
N GLU B 101 -18.80 10.88 -0.20
CA GLU B 101 -20.09 11.54 -0.05
C GLU B 101 -20.38 11.83 1.43
N ILE B 102 -19.97 10.96 2.35
CA ILE B 102 -20.08 11.26 3.79
C ILE B 102 -19.37 12.56 4.08
N ILE B 103 -18.10 12.65 3.66
CA ILE B 103 -17.30 13.90 3.82
C ILE B 103 -17.93 15.15 3.20
N ASP B 104 -18.41 15.05 1.94
CA ASP B 104 -19.15 16.15 1.31
C ASP B 104 -20.29 16.58 2.21
N PHE B 105 -21.00 15.61 2.79
CA PHE B 105 -22.11 15.96 3.67
C PHE B 105 -21.61 16.78 4.86
N LEU B 106 -20.55 16.34 5.53
CA LEU B 106 -20.05 17.09 6.69
C LEU B 106 -19.64 18.52 6.32
N VAL B 107 -18.93 18.60 5.20
CA VAL B 107 -18.44 19.86 4.64
C VAL B 107 -19.62 20.76 4.28
N ALA B 108 -20.61 20.25 3.55
CA ALA B 108 -21.81 21.03 3.19
C ALA B 108 -22.48 21.68 4.37
N ASN B 109 -22.33 21.10 5.56
CA ASN B 109 -23.04 21.55 6.74
C ASN B 109 -22.19 22.30 7.72
N ARG B 110 -21.03 22.77 7.27
CA ARG B 110 -20.10 23.47 8.14
C ARG B 110 -20.41 24.94 8.22
N ASN B 111 -21.29 25.40 7.34
CA ASN B 111 -21.71 26.80 7.33
C ASN B 111 -22.45 27.14 8.60
N PRO B 112 -21.93 28.09 9.38
CA PRO B 112 -22.61 28.38 10.66
C PRO B 112 -24.10 28.75 10.56
N LYS B 113 -24.51 29.29 9.40
CA LYS B 113 -25.91 29.58 9.15
C LYS B 113 -26.69 28.35 9.54
N LYS B 114 -26.30 27.21 8.97
CA LYS B 114 -26.99 25.90 9.15
C LYS B 114 -27.12 25.34 10.58
N TYR B 115 -26.34 25.86 11.53
CA TYR B 115 -26.29 25.29 12.89
C TYR B 115 -27.62 25.36 13.65
N ILE B 116 -27.77 24.51 14.67
CA ILE B 116 -28.97 24.50 15.51
C ILE B 116 -28.63 24.11 16.95
N PRO B 117 -28.61 25.08 17.87
CA PRO B 117 -28.21 24.77 19.24
C PRO B 117 -29.12 23.76 19.90
N PRO B 118 -28.61 23.11 20.97
CA PRO B 118 -29.36 22.05 21.62
C PRO B 118 -30.57 22.60 22.42
N VAL B 119 -31.47 21.70 22.81
CA VAL B 119 -32.64 22.09 23.61
C VAL B 119 -32.63 21.39 24.97
N LEU B 120 -32.88 22.14 26.04
CA LEU B 120 -32.93 21.59 27.37
C LEU B 120 -34.25 20.85 27.51
N VAL B 121 -34.21 19.62 27.99
CA VAL B 121 -35.45 18.88 28.31
C VAL B 121 -35.42 18.36 29.73
N PRO B 122 -36.61 18.11 30.28
CA PRO B 122 -36.56 17.73 31.70
C PRO B 122 -36.00 16.35 31.88
N ASN B 123 -35.38 16.15 33.05
CA ASN B 123 -34.74 14.87 33.40
C ASN B 123 -35.59 13.63 33.11
N ASP B 124 -36.91 13.71 33.14
CA ASP B 124 -37.72 12.50 32.91
C ASP B 124 -37.85 12.18 31.43
N GLN B 125 -37.14 12.93 30.61
CA GLN B 125 -37.01 12.61 29.18
C GLN B 125 -35.69 11.87 28.87
N SER B 126 -34.81 11.79 29.86
CA SER B 126 -33.52 11.17 29.67
C SER B 126 -33.51 9.79 30.28
N PRO B 127 -33.29 8.75 29.46
CA PRO B 127 -33.22 7.40 30.04
C PRO B 127 -32.14 7.25 31.08
N HIS B 128 -31.01 7.95 30.93
CA HIS B 128 -29.91 7.77 31.90
C HIS B 128 -30.15 8.40 33.28
N LYS B 129 -31.19 9.20 33.39
CA LYS B 129 -31.62 9.70 34.68
C LYS B 129 -32.46 8.67 35.47
N LYS B 130 -32.62 7.44 35.00
CA LYS B 130 -33.38 6.46 35.78
C LYS B 130 -32.64 5.99 37.05
N HIS B 131 -31.32 5.81 36.94
CA HIS B 131 -30.47 5.30 38.04
C HIS B 131 -29.34 6.25 38.34
N HIS B 132 -28.90 6.26 39.60
CA HIS B 132 -27.90 7.20 40.07
C HIS B 132 -26.95 6.55 41.06
N LEU B 133 -25.70 6.99 41.04
CA LEU B 133 -24.75 6.60 42.03
C LEU B 133 -24.09 7.83 42.61
N THR B 134 -24.11 7.91 43.93
CA THR B 134 -23.34 8.92 44.65
C THR B 134 -21.87 8.49 44.73
N LYS B 135 -21.01 9.45 45.10
CA LYS B 135 -19.59 9.20 45.26
C LYS B 135 -19.26 8.03 46.17
N GLU B 136 -19.91 7.93 47.31
CA GLU B 136 -19.60 6.85 48.26
C GLU B 136 -19.87 5.49 47.60
N GLN B 137 -20.88 5.43 46.74
CA GLN B 137 -21.27 4.20 46.04
C GLN B 137 -20.41 3.81 44.85
N ILE B 138 -19.52 4.67 44.42
CA ILE B 138 -18.88 4.44 43.17
C ILE B 138 -17.61 3.67 43.41
N ASP B 139 -17.44 2.59 42.66
CA ASP B 139 -16.15 1.93 42.56
C ASP B 139 -15.84 1.48 41.12
N LEU B 140 -15.17 2.34 40.37
CA LEU B 140 -14.79 2.05 39.01
C LEU B 140 -13.98 0.77 38.80
N THR B 141 -13.34 0.23 39.85
CA THR B 141 -12.51 -0.97 39.71
C THR B 141 -13.28 -2.28 39.76
N LYS B 142 -14.60 -2.21 39.99
CA LYS B 142 -15.47 -3.40 39.96
C LYS B 142 -16.33 -3.48 38.73
N LEU B 143 -16.23 -2.48 37.85
CA LEU B 143 -17.04 -2.46 36.62
C LEU B 143 -16.23 -3.21 35.59
N PRO B 144 -16.89 -3.81 34.60
CA PRO B 144 -16.11 -4.67 33.73
C PRO B 144 -15.42 -3.84 32.65
N VAL B 145 -14.47 -3.03 33.06
CA VAL B 145 -13.70 -2.22 32.14
C VAL B 145 -12.64 -3.13 31.52
N PRO B 146 -12.43 -3.05 30.21
CA PRO B 146 -11.43 -3.89 29.56
C PRO B 146 -9.97 -3.42 29.60
N LEU B 147 -9.09 -4.41 29.64
CA LEU B 147 -7.68 -4.23 29.42
C LEU B 147 -7.56 -4.64 27.95
N LEU B 148 -7.35 -3.66 27.08
CA LEU B 148 -7.60 -3.84 25.66
C LEU B 148 -6.42 -4.41 24.85
N HIS B 149 -5.21 -4.06 25.23
CA HIS B 149 -3.99 -4.57 24.58
C HIS B 149 -2.99 -4.97 25.65
N HIS B 150 -2.32 -6.10 25.47
CA HIS B 150 -1.23 -6.46 26.36
C HIS B 150 -0.18 -5.35 26.48
N GLY B 151 0.15 -4.98 27.70
CA GLY B 151 1.11 -3.91 27.92
C GLY B 151 0.46 -2.55 28.11
N ASP B 152 -0.85 -2.48 27.96
CA ASP B 152 -1.57 -1.31 28.39
C ASP B 152 -1.31 -1.07 29.87
N GLY B 153 -1.14 0.21 30.22
CA GLY B 153 -0.84 0.63 31.57
C GLY B 153 -2.00 0.53 32.53
N GLY B 154 -3.21 0.43 32.01
CA GLY B 154 -4.39 0.30 32.85
C GLY B 154 -5.60 -0.16 32.04
N LYS B 155 -6.75 -0.13 32.69
CA LYS B 155 -7.97 -0.55 32.04
C LYS B 155 -8.63 0.70 31.49
N PHE B 156 -8.70 0.80 30.17
CA PHE B 156 -9.16 2.01 29.53
C PHE B 156 -10.68 2.06 29.35
N ILE B 157 -11.32 2.74 30.29
CA ILE B 157 -12.76 2.86 30.34
C ILE B 157 -13.26 3.83 29.29
N GLN B 158 -12.50 4.89 29.04
CA GLN B 158 -12.93 5.90 28.07
C GLN B 158 -12.18 5.77 26.74
N THR B 159 -12.78 5.03 25.81
CA THR B 159 -12.28 4.95 24.43
C THR B 159 -13.34 5.32 23.33
N TYR B 160 -14.62 5.42 23.71
CA TYR B 160 -15.64 5.96 22.79
C TYR B 160 -16.73 6.74 23.52
N GLY B 161 -16.34 7.46 24.57
CA GLY B 161 -17.19 8.44 25.18
C GLY B 161 -16.72 9.87 24.98
N MET B 162 -17.52 10.77 25.50
CA MET B 162 -17.44 12.18 25.17
C MET B 162 -17.18 13.01 26.42
N TRP B 163 -16.08 13.72 26.44
CA TRP B 163 -15.82 14.67 27.52
C TRP B 163 -16.58 15.94 27.22
N VAL B 164 -17.24 16.45 28.24
CA VAL B 164 -17.85 17.76 28.14
C VAL B 164 -17.09 18.69 29.10
N LEU B 165 -16.51 19.76 28.55
CA LEU B 165 -15.85 20.81 29.37
C LEU B 165 -16.30 22.16 28.85
N GLN B 166 -16.53 23.09 29.76
CA GLN B 166 -17.01 24.43 29.40
C GLN B 166 -16.01 25.45 29.96
N THR B 167 -15.70 26.50 29.20
CA THR B 167 -14.82 27.58 29.65
C THR B 167 -15.47 28.34 30.83
N PRO B 168 -14.64 28.90 31.76
CA PRO B 168 -15.16 29.63 32.93
C PRO B 168 -16.26 30.62 32.56
N ASP B 169 -16.03 31.40 31.49
CA ASP B 169 -17.01 32.39 31.01
C ASP B 169 -18.23 31.81 30.26
N LYS B 170 -18.30 30.49 30.11
CA LYS B 170 -19.50 29.82 29.54
C LYS B 170 -19.78 30.19 28.05
N SER B 171 -18.77 30.76 27.38
CA SER B 171 -18.87 31.13 25.95
C SER B 171 -18.68 29.93 25.02
N TRP B 172 -17.81 29.00 25.46
CA TRP B 172 -17.40 27.81 24.68
C TRP B 172 -17.61 26.55 25.46
N THR B 173 -18.35 25.61 24.87
CA THR B 173 -18.55 24.27 25.45
C THR B 173 -18.07 23.20 24.46
N ASN B 174 -17.08 22.41 24.87
CA ASN B 174 -16.42 21.45 23.95
C ASN B 174 -16.84 20.04 24.28
N TRP B 175 -17.26 19.31 23.24
CA TRP B 175 -17.45 17.88 23.27
C TRP B 175 -16.34 17.18 22.48
N SER B 176 -15.60 16.28 23.13
CA SER B 176 -14.52 15.59 22.45
C SER B 176 -14.20 14.20 22.99
N ILE B 177 -13.51 13.41 22.18
CA ILE B 177 -12.96 12.16 22.64
C ILE B 177 -11.50 12.38 23.02
N ALA B 178 -11.17 11.98 24.24
CA ALA B 178 -9.80 11.71 24.62
C ALA B 178 -9.82 10.43 25.47
N ARG B 179 -8.77 9.63 25.36
CA ARG B 179 -8.67 8.34 26.05
C ARG B 179 -8.54 8.58 27.51
N GLY B 180 -9.09 7.70 28.30
CA GLY B 180 -8.95 7.79 29.73
C GLY B 180 -8.96 6.43 30.38
N MET B 181 -8.02 6.20 31.30
CA MET B 181 -8.00 4.96 32.05
C MET B 181 -8.42 5.18 33.49
N VAL B 182 -8.77 4.09 34.13
CA VAL B 182 -9.12 4.12 35.51
C VAL B 182 -7.84 4.20 36.33
N HIS B 183 -7.78 5.23 37.17
CA HIS B 183 -6.68 5.46 38.11
C HIS B 183 -6.94 4.76 39.43
N ASP B 184 -8.12 4.96 39.99
CA ASP B 184 -8.49 4.23 41.21
C ASP B 184 -10.00 4.17 41.31
N SER B 185 -10.48 3.59 42.39
CA SER B 185 -11.91 3.35 42.59
C SER B 185 -12.77 4.58 42.28
N LYS B 186 -12.22 5.78 42.36
CA LYS B 186 -13.01 6.98 42.12
C LYS B 186 -12.49 7.91 41.02
N SER B 187 -11.63 7.43 40.12
CA SER B 187 -10.80 8.35 39.31
C SER B 187 -10.44 7.87 37.94
N ILE B 188 -10.41 8.80 37.00
CA ILE B 188 -9.93 8.52 35.67
C ILE B 188 -8.81 9.48 35.36
N THR B 189 -7.76 8.98 34.76
CA THR B 189 -6.73 9.83 34.19
C THR B 189 -6.74 9.68 32.68
N GLY B 190 -6.55 10.79 31.97
CA GLY B 190 -6.59 10.74 30.51
C GLY B 190 -5.59 11.67 29.88
N LEU B 191 -5.37 11.51 28.57
CA LEU B 191 -4.57 12.48 27.78
C LEU B 191 -5.21 13.89 27.69
N VAL B 192 -4.44 14.90 28.07
CA VAL B 192 -4.79 16.30 27.90
C VAL B 192 -3.53 16.98 27.38
N ILE B 193 -3.34 16.96 26.06
CA ILE B 193 -2.07 17.42 25.49
C ILE B 193 -2.28 18.45 24.38
N ASN B 194 -1.24 19.23 24.10
CA ASN B 194 -1.36 20.30 23.12
C ASN B 194 -1.67 19.76 21.74
N PRO B 195 -2.48 20.48 20.97
CA PRO B 195 -3.16 21.69 21.31
C PRO B 195 -4.62 21.34 21.41
N GLN B 196 -4.92 20.15 21.95
CA GLN B 196 -6.31 19.64 21.96
C GLN B 196 -7.21 20.48 22.85
N HIS B 197 -8.50 20.47 22.55
CA HIS B 197 -9.41 21.38 23.23
C HIS B 197 -9.61 20.99 24.68
N VAL B 198 -9.53 19.71 24.99
CA VAL B 198 -9.51 19.32 26.38
C VAL B 198 -8.47 20.19 27.10
N LYS B 199 -7.33 20.44 26.45
CA LYS B 199 -6.29 21.29 27.01
C LYS B 199 -6.59 22.79 26.90
N GLN B 200 -6.93 23.27 25.70
CA GLN B 200 -7.23 24.67 25.53
C GLN B 200 -8.31 25.13 26.54
N VAL B 201 -9.35 24.33 26.71
CA VAL B 201 -10.44 24.73 27.60
C VAL B 201 -10.08 24.58 29.07
N SER B 202 -9.24 23.61 29.42
CA SER B 202 -8.86 23.45 30.81
C SER B 202 -7.75 24.45 31.15
N ASP B 203 -6.84 24.69 30.18
CA ASP B 203 -5.87 25.79 30.26
C ASP B 203 -6.52 27.08 30.77
N ALA B 204 -7.73 27.38 30.30
CA ALA B 204 -8.36 28.63 30.65
C ALA B 204 -8.54 28.71 32.16
N TRP B 205 -9.07 27.65 32.77
CA TRP B 205 -9.20 27.52 34.26
C TRP B 205 -7.88 27.69 35.02
N VAL B 206 -6.81 27.09 34.48
CA VAL B 206 -5.47 27.22 35.03
C VAL B 206 -4.99 28.65 34.90
N ALA B 207 -5.31 29.28 33.76
CA ALA B 207 -5.25 30.73 33.58
C ALA B 207 -5.89 31.42 34.81
N ALA B 208 -7.18 31.15 35.06
CA ALA B 208 -7.94 31.79 36.15
C ALA B 208 -7.59 31.29 37.57
N GLY B 209 -6.68 30.31 37.68
CA GLY B 209 -6.17 29.87 38.98
C GLY B 209 -7.04 28.86 39.68
N LYS B 210 -8.09 28.42 38.98
CA LYS B 210 -9.11 27.51 39.53
C LYS B 210 -8.96 26.15 38.85
N GLY B 211 -7.70 25.79 38.56
CA GLY B 211 -7.39 24.66 37.71
C GLY B 211 -7.58 23.30 38.36
N ASP B 212 -7.78 23.29 39.68
CA ASP B 212 -7.92 22.03 40.40
C ASP B 212 -9.38 21.59 40.53
N LYS B 213 -10.29 22.46 40.14
CA LYS B 213 -11.74 22.18 40.23
C LYS B 213 -12.40 22.63 38.91
N ILE B 214 -12.09 21.89 37.84
CA ILE B 214 -12.72 22.10 36.53
C ILE B 214 -13.88 21.09 36.42
N PRO B 215 -15.12 21.58 36.28
CA PRO B 215 -16.25 20.66 36.21
C PRO B 215 -16.28 19.93 34.87
N PHE B 216 -16.58 18.63 34.92
CA PHE B 216 -16.64 17.82 33.72
C PHE B 216 -17.75 16.81 33.84
N ALA B 217 -18.31 16.44 32.69
CA ALA B 217 -19.09 15.24 32.50
C ALA B 217 -18.40 14.39 31.41
N LEU B 218 -18.56 13.07 31.50
CA LEU B 218 -18.03 12.12 30.53
C LEU B 218 -19.17 11.17 30.12
N CYS B 219 -19.64 11.27 28.88
CA CYS B 219 -20.86 10.57 28.47
C CYS B 219 -20.60 9.43 27.51
N PHE B 220 -21.32 8.32 27.72
CA PHE B 220 -21.16 7.16 26.90
C PHE B 220 -22.45 6.81 26.19
N GLY B 221 -22.28 6.33 24.96
CA GLY B 221 -23.42 5.96 24.14
C GLY B 221 -24.22 7.19 23.84
N VAL B 222 -23.52 8.23 23.46
CA VAL B 222 -24.11 9.52 23.14
C VAL B 222 -24.67 9.47 21.74
N PRO B 223 -25.45 10.49 21.34
CA PRO B 223 -25.99 10.37 19.98
C PRO B 223 -24.88 10.19 18.97
N PRO B 224 -24.99 9.17 18.14
CA PRO B 224 -23.93 8.94 17.21
C PRO B 224 -23.47 10.15 16.41
N ALA B 225 -24.32 11.10 16.04
CA ALA B 225 -23.78 12.31 15.38
C ALA B 225 -22.86 13.10 16.29
N ALA B 226 -23.19 13.11 17.57
CA ALA B 226 -22.35 13.81 18.57
C ALA B 226 -20.99 13.14 18.82
N ILE B 227 -20.95 11.82 18.98
CA ILE B 227 -19.62 11.18 19.18
C ILE B 227 -18.80 11.30 17.88
N LEU B 228 -19.46 11.44 16.74
CA LEU B 228 -18.76 11.60 15.50
C LEU B 228 -18.10 12.95 15.46
N VAL B 229 -18.84 14.01 15.81
CA VAL B 229 -18.29 15.39 15.87
C VAL B 229 -17.38 15.52 17.08
N SER B 230 -17.67 14.76 18.14
CA SER B 230 -16.75 14.74 19.26
C SER B 230 -15.31 14.42 18.73
N SER B 231 -15.19 13.73 17.56
CA SER B 231 -13.85 13.36 17.01
C SER B 231 -13.28 14.22 15.90
N MET B 232 -13.98 15.29 15.56
CA MET B 232 -13.68 16.15 14.42
C MET B 232 -13.09 17.41 14.98
N PRO B 233 -11.95 17.86 14.43
CA PRO B 233 -11.40 19.13 14.90
C PRO B 233 -12.11 20.35 14.32
N ILE B 234 -13.32 20.66 14.79
CA ILE B 234 -13.96 21.92 14.42
C ILE B 234 -13.24 23.06 15.16
N PRO B 235 -13.50 24.31 14.78
CA PRO B 235 -12.55 25.33 15.20
C PRO B 235 -12.39 25.54 16.72
N ASP B 236 -11.25 26.14 17.11
CA ASP B 236 -11.09 26.64 18.47
C ASP B 236 -12.29 27.52 18.76
N GLY B 237 -12.80 27.40 19.98
CA GLY B 237 -13.93 28.22 20.43
C GLY B 237 -15.31 27.91 19.86
N ALA B 238 -15.42 26.87 19.03
CA ALA B 238 -16.68 26.48 18.41
C ALA B 238 -17.36 25.40 19.26
N THR B 239 -18.66 25.51 19.47
CA THR B 239 -19.38 24.61 20.35
C THR B 239 -20.02 23.52 19.47
N GLU B 240 -19.61 22.29 19.74
CA GLU B 240 -19.91 21.17 18.88
C GLU B 240 -21.41 20.91 18.80
N ALA B 241 -22.12 21.09 19.89
CA ALA B 241 -23.56 20.83 19.92
C ALA B 241 -24.31 21.47 18.77
N GLU B 242 -23.91 22.70 18.44
CA GLU B 242 -24.54 23.48 17.38
C GLU B 242 -24.35 22.82 16.03
N TYR B 243 -23.13 22.39 15.76
CA TYR B 243 -22.80 21.80 14.48
C TYR B 243 -23.56 20.50 14.31
N ILE B 244 -23.59 19.73 15.40
CA ILE B 244 -24.25 18.42 15.42
C ILE B 244 -25.74 18.58 15.14
N GLY B 245 -26.35 19.58 15.73
CA GLY B 245 -27.76 19.86 15.47
C GLY B 245 -28.03 20.18 14.01
N GLY B 246 -27.14 20.98 13.43
CA GLY B 246 -27.21 21.28 12.00
C GLY B 246 -27.21 20.00 11.22
N LEU B 247 -26.21 19.16 11.46
CA LEU B 247 -26.08 17.85 10.82
C LEU B 247 -27.30 16.96 11.03
N CYS B 248 -27.92 17.02 12.20
CA CYS B 248 -29.17 16.23 12.42
C CYS B 248 -30.48 16.93 11.98
N ASN B 249 -30.37 18.16 11.50
CA ASN B 249 -31.54 18.99 11.24
C ASN B 249 -32.54 18.90 12.40
N GLN B 250 -32.01 19.00 13.64
CA GLN B 250 -32.79 18.91 14.88
C GLN B 250 -31.90 19.27 16.06
N ALA B 251 -32.42 19.99 17.06
CA ALA B 251 -31.61 20.32 18.23
C ALA B 251 -31.33 19.05 19.05
N VAL B 252 -30.13 18.92 19.61
CA VAL B 252 -29.84 17.73 20.39
C VAL B 252 -30.54 17.94 21.73
N PRO B 253 -31.43 17.00 22.13
CA PRO B 253 -32.02 17.14 23.43
C PRO B 253 -30.95 17.00 24.49
N VAL B 254 -30.80 17.99 25.36
CA VAL B 254 -29.83 17.89 26.47
C VAL B 254 -30.51 17.99 27.84
N VAL B 255 -29.87 17.44 28.86
CA VAL B 255 -30.31 17.58 30.27
C VAL B 255 -29.15 18.03 31.15
N LYS B 256 -29.49 18.54 32.33
CA LYS B 256 -28.48 19.07 33.25
C LYS B 256 -27.93 17.98 34.17
N CYS B 257 -26.61 17.98 34.34
CA CYS B 257 -25.94 17.03 35.24
C CYS B 257 -26.50 17.21 36.65
N GLU B 258 -26.41 16.16 37.46
CA GLU B 258 -26.86 16.21 38.84
C GLU B 258 -26.03 17.08 39.73
N THR B 259 -24.71 17.05 39.59
CA THR B 259 -23.84 17.68 40.55
C THR B 259 -23.04 18.83 39.98
N ASN B 260 -23.40 19.25 38.78
CA ASN B 260 -22.87 20.49 38.25
C ASN B 260 -23.79 20.96 37.18
N ASP B 261 -23.50 22.12 36.60
CA ASP B 261 -24.41 22.80 35.69
C ASP B 261 -24.10 22.52 34.21
N LEU B 262 -23.25 21.54 33.94
CA LEU B 262 -22.98 21.13 32.56
C LEU B 262 -24.24 20.46 31.95
N GLU B 263 -24.46 20.65 30.64
CA GLU B 263 -25.55 19.95 29.97
C GLU B 263 -24.96 18.71 29.28
N VAL B 264 -25.68 17.58 29.32
CA VAL B 264 -25.26 16.34 28.64
C VAL B 264 -26.41 15.80 27.83
N PRO B 265 -26.13 15.13 26.73
CA PRO B 265 -27.23 14.59 25.92
C PRO B 265 -28.18 13.77 26.75
N ALA B 266 -29.47 13.92 26.47
CA ALA B 266 -30.50 13.24 27.18
C ALA B 266 -30.49 11.73 26.91
N ASP B 267 -30.22 11.35 25.67
CA ASP B 267 -30.08 9.96 25.28
C ASP B 267 -28.60 9.56 25.34
N CYS B 268 -28.13 9.19 26.53
CA CYS B 268 -26.87 8.50 26.76
C CYS B 268 -27.12 7.18 27.50
N GLU B 269 -26.08 6.36 27.59
CA GLU B 269 -26.15 5.10 28.34
C GLU B 269 -25.70 5.30 29.79
N MET B 270 -24.60 6.06 29.94
CA MET B 270 -24.06 6.44 31.24
C MET B 270 -23.40 7.80 31.20
N VAL B 271 -23.73 8.66 32.14
CA VAL B 271 -23.01 9.90 32.34
C VAL B 271 -22.18 9.81 33.64
N PHE B 272 -20.88 10.17 33.54
CA PHE B 272 -20.00 10.42 34.70
C PHE B 272 -19.87 11.95 34.89
N GLU B 273 -19.85 12.39 36.15
CA GLU B 273 -19.72 13.80 36.47
C GLU B 273 -18.68 13.97 37.57
N GLY B 274 -17.94 15.07 37.52
CA GLY B 274 -16.90 15.33 38.52
C GLY B 274 -16.04 16.53 38.23
N TYR B 275 -14.83 16.54 38.80
CA TYR B 275 -13.87 17.65 38.62
C TYR B 275 -12.51 17.22 38.04
N LEU B 276 -12.12 17.88 36.96
CA LEU B 276 -10.82 17.67 36.35
C LEU B 276 -9.81 18.47 37.17
N ASP B 277 -8.85 17.77 37.77
CA ASP B 277 -7.83 18.35 38.62
C ASP B 277 -6.53 18.50 37.84
N ARG B 278 -6.27 19.68 37.34
CA ARG B 278 -5.12 19.83 36.45
C ARG B 278 -3.81 19.92 37.24
N ASP B 279 -3.88 20.09 38.56
CA ASP B 279 -2.64 20.02 39.34
C ASP B 279 -2.44 18.77 40.18
N THR B 280 -3.25 17.72 39.94
CA THR B 280 -2.86 16.35 40.37
C THR B 280 -2.56 15.46 39.14
N LEU B 281 -1.29 15.16 38.97
CA LEU B 281 -0.77 14.41 37.85
C LEU B 281 -0.45 13.01 38.33
N VAL B 282 -0.93 12.02 37.60
CA VAL B 282 -0.79 10.61 37.96
C VAL B 282 -0.37 9.82 36.74
N ARG B 283 -0.03 8.56 36.98
CA ARG B 283 0.46 7.67 35.95
C ARG B 283 -0.62 7.34 34.90
N GLU B 284 -0.43 7.75 33.63
CA GLU B 284 -1.38 7.34 32.56
C GLU B 284 -0.66 6.55 31.47
N GLY B 285 -0.90 5.25 31.60
CA GLY B 285 0.12 4.22 31.33
C GLY B 285 -0.06 4.11 29.87
N PRO B 286 0.86 3.38 29.22
CA PRO B 286 0.83 3.39 27.77
C PRO B 286 -0.45 2.70 27.26
N PHE B 287 -0.76 2.91 25.99
CA PHE B 287 -1.95 2.37 25.40
C PHE B 287 -1.66 1.98 24.00
N GLY B 288 -2.17 0.81 23.59
CA GLY B 288 -2.24 0.43 22.18
C GLY B 288 -2.92 1.53 21.37
N GLU B 289 -2.16 2.20 20.50
CA GLU B 289 -2.68 3.41 19.85
C GLU B 289 -2.84 3.36 18.30
N MET B 290 -3.33 4.45 17.73
CA MET B 290 -3.70 4.55 16.35
C MET B 290 -2.69 4.18 15.27
N HIS B 291 -1.41 4.11 15.60
CA HIS B 291 -0.42 3.72 14.57
C HIS B 291 -0.01 2.24 14.58
N GLY B 292 -0.62 1.44 15.45
CA GLY B 292 -0.42 -0.02 15.51
C GLY B 292 0.39 -0.57 16.69
N TYR B 293 0.83 0.32 17.57
CA TYR B 293 1.81 -0.05 18.59
C TYR B 293 1.32 0.17 20.00
N CYS B 294 1.63 -0.75 20.90
CA CYS B 294 1.70 -0.40 22.34
C CYS B 294 3.15 -0.50 22.75
N PHE B 295 3.72 0.58 23.26
CA PHE B 295 5.12 0.61 23.73
C PHE B 295 5.15 0.48 25.26
N PRO B 296 5.41 -0.74 25.79
CA PRO B 296 5.01 -1.00 27.19
C PRO B 296 5.73 -0.18 28.25
N LYS B 297 6.88 0.35 27.90
CA LYS B 297 7.63 1.06 28.91
C LYS B 297 7.75 2.51 28.59
N ASP B 298 6.89 3.00 27.69
CA ASP B 298 6.65 4.42 27.58
C ASP B 298 5.82 4.83 28.79
N HIS B 299 6.13 6.01 29.32
CA HIS B 299 5.64 6.40 30.64
C HIS B 299 5.55 7.91 30.69
N HIS B 300 4.38 8.38 31.04
CA HIS B 300 4.24 9.73 31.46
C HIS B 300 3.16 9.80 32.53
N THR B 301 3.00 11.01 33.06
CA THR B 301 2.05 11.33 34.05
C THR B 301 0.99 12.19 33.36
N GLN B 302 -0.25 12.16 33.85
CA GLN B 302 -1.29 13.06 33.32
C GLN B 302 -2.28 13.48 34.40
N PRO B 303 -3.08 14.53 34.14
CA PRO B 303 -4.06 15.06 35.07
C PRO B 303 -5.19 14.11 35.42
N LEU B 304 -5.98 14.50 36.42
CA LEU B 304 -6.91 13.61 37.09
C LEU B 304 -8.34 14.13 37.02
N TYR B 305 -9.21 13.22 36.63
CA TYR B 305 -10.62 13.44 36.63
C TYR B 305 -11.17 12.69 37.82
N ARG B 306 -11.70 13.43 38.80
CA ARG B 306 -12.28 12.85 40.00
C ARG B 306 -13.73 12.70 39.70
N VAL B 307 -14.25 11.50 39.84
CA VAL B 307 -15.66 11.23 39.55
C VAL B 307 -16.45 11.34 40.84
N ASN B 308 -17.45 12.20 40.88
CA ASN B 308 -18.36 12.35 42.02
C ASN B 308 -19.80 11.77 41.83
N HIS B 309 -20.24 11.60 40.59
CA HIS B 309 -21.59 11.11 40.31
C HIS B 309 -21.65 10.33 38.99
N ILE B 310 -22.45 9.25 38.96
CA ILE B 310 -22.73 8.49 37.73
C ILE B 310 -24.22 8.36 37.57
N SER B 311 -24.74 8.81 36.43
CA SER B 311 -26.09 8.45 36.03
C SER B 311 -26.12 7.41 34.86
N TYR B 312 -27.08 6.50 34.89
CA TYR B 312 -27.15 5.48 33.86
C TYR B 312 -28.55 4.86 33.67
N ARG B 313 -28.71 4.12 32.57
CA ARG B 313 -30.00 3.58 32.22
C ARG B 313 -30.04 2.07 32.33
N ASP B 314 -31.24 1.51 32.36
CA ASP B 314 -31.40 0.07 32.40
C ASP B 314 -30.51 -0.54 31.34
N GLN B 315 -29.68 -1.47 31.74
CA GLN B 315 -28.89 -2.28 30.82
C GLN B 315 -27.94 -1.46 29.97
N ALA B 316 -27.18 -0.58 30.62
CA ALA B 316 -26.35 0.38 29.93
C ALA B 316 -25.40 -0.33 29.00
N ILE B 317 -25.20 0.21 27.80
CA ILE B 317 -24.21 -0.34 26.85
C ILE B 317 -23.03 0.59 26.70
N MET B 318 -21.82 0.10 26.81
CA MET B 318 -20.72 1.01 26.50
C MET B 318 -20.08 0.74 25.16
N PRO B 319 -20.03 1.74 24.29
CA PRO B 319 -19.37 1.45 23.03
C PRO B 319 -17.90 1.67 23.24
N ILE B 320 -17.05 0.97 22.49
CA ILE B 320 -15.62 0.97 22.72
CA ILE B 320 -15.61 1.04 22.70
C ILE B 320 -14.86 1.11 21.40
N SER B 321 -13.60 1.56 21.47
CA SER B 321 -12.69 1.55 20.35
C SER B 321 -11.35 0.99 20.81
N ASN B 322 -10.88 -0.01 20.07
CA ASN B 322 -9.67 -0.78 20.37
C ASN B 322 -8.64 -0.52 19.27
N PRO B 323 -7.98 0.64 19.31
CA PRO B 323 -7.11 1.05 18.21
C PRO B 323 -5.94 0.15 17.87
N GLY B 324 -5.47 0.24 16.65
CA GLY B 324 -4.27 -0.48 16.26
C GLY B 324 -4.10 -0.39 14.76
N LEU B 325 -3.70 -1.49 14.14
CA LEU B 325 -3.61 -1.54 12.68
C LEU B 325 -4.90 -1.11 12.04
N CYS B 326 -4.78 -0.55 10.83
CA CYS B 326 -5.94 -0.16 10.05
C CYS B 326 -6.81 -1.41 9.84
N THR B 327 -8.13 -1.27 9.83
CA THR B 327 -8.90 -0.05 10.00
C THR B 327 -9.83 -0.05 11.24
N ASP B 328 -9.82 1.07 11.95
CA ASP B 328 -10.63 1.18 13.13
C ASP B 328 -11.00 2.64 13.32
N GLU B 329 -11.66 2.95 14.42
CA GLU B 329 -12.21 4.30 14.61
C GLU B 329 -11.13 5.38 14.56
N THR B 330 -9.90 5.03 14.92
CA THR B 330 -8.81 5.98 14.83
C THR B 330 -8.38 6.17 13.39
N HIS B 331 -9.05 5.53 12.45
CA HIS B 331 -8.79 5.82 11.05
C HIS B 331 -10.02 6.43 10.34
N THR B 332 -11.18 5.78 10.49
CA THR B 332 -12.39 6.26 9.89
C THR B 332 -12.87 7.60 10.53
N LEU B 333 -12.72 7.72 11.84
CA LEU B 333 -13.11 8.94 12.50
C LEU B 333 -11.94 9.93 12.63
N ILE B 334 -10.86 9.57 13.30
CA ILE B 334 -9.78 10.53 13.41
C ILE B 334 -9.35 11.02 12.05
N GLY B 335 -9.06 10.09 11.16
CA GLY B 335 -8.55 10.40 9.82
C GLY B 335 -9.58 11.00 8.91
N GLY B 336 -10.74 10.37 8.85
CA GLY B 336 -11.82 10.82 7.98
C GLY B 336 -12.31 12.24 8.26
N LEU B 337 -12.35 12.62 9.54
CA LEU B 337 -12.87 13.91 9.96
C LEU B 337 -11.76 14.97 9.87
N VAL B 338 -10.50 14.61 10.13
CA VAL B 338 -9.40 15.50 9.74
C VAL B 338 -9.47 15.80 8.23
N SER B 339 -9.69 14.78 7.41
CA SER B 339 -9.91 15.04 5.98
C SER B 339 -11.11 15.96 5.74
N ALA B 340 -12.18 15.73 6.45
CA ALA B 340 -13.42 16.45 6.20
C ALA B 340 -13.26 17.91 6.55
N GLU B 341 -12.72 18.20 7.74
CA GLU B 341 -12.50 19.58 8.18
C GLU B 341 -11.45 20.26 7.35
N THR B 342 -10.36 19.55 7.06
CA THR B 342 -9.39 20.07 6.13
C THR B 342 -10.04 20.44 4.81
N LYS B 343 -10.90 19.59 4.28
CA LYS B 343 -11.50 19.83 2.96
C LYS B 343 -12.30 21.12 3.01
N TYR B 344 -13.09 21.29 4.08
CA TYR B 344 -13.82 22.51 4.21
C TYR B 344 -12.90 23.72 4.33
N LEU B 345 -11.92 23.67 5.21
CA LEU B 345 -11.06 24.83 5.37
C LEU B 345 -10.40 25.18 4.04
N ILE B 346 -10.01 24.19 3.23
CA ILE B 346 -9.38 24.39 1.90
C ILE B 346 -10.36 25.05 0.93
N SER B 347 -11.63 24.73 1.16
CA SER B 347 -12.83 25.31 0.56
C SER B 347 -12.92 26.83 0.72
N GLN B 348 -12.34 27.36 1.79
CA GLN B 348 -12.30 28.81 2.07
C GLN B 348 -10.99 29.52 1.67
N HIS B 349 -10.02 28.76 1.17
CA HIS B 349 -8.77 29.34 0.67
C HIS B 349 -8.97 29.76 -0.81
N PRO B 350 -8.65 31.06 -1.13
CA PRO B 350 -8.91 31.67 -2.45
C PRO B 350 -8.05 31.13 -3.58
N VAL B 351 -6.98 30.42 -3.24
CA VAL B 351 -6.22 29.69 -4.25
C VAL B 351 -6.54 28.20 -4.23
N LEU B 352 -6.45 27.56 -3.06
CA LEU B 352 -6.51 26.11 -3.01
C LEU B 352 -7.88 25.53 -3.39
N SER B 353 -8.95 26.32 -3.31
CA SER B 353 -10.30 25.85 -3.66
C SER B 353 -10.54 25.78 -5.17
N LYS B 354 -9.66 26.38 -5.94
CA LYS B 354 -9.84 26.37 -7.37
C LYS B 354 -9.40 25.03 -7.91
N ILE B 355 -8.45 24.42 -7.20
CA ILE B 355 -7.70 23.25 -7.70
C ILE B 355 -7.97 21.91 -6.94
N VAL B 356 -8.26 22.00 -5.62
CA VAL B 356 -8.44 20.79 -4.80
C VAL B 356 -9.82 20.22 -4.95
N GLU B 357 -9.90 18.97 -5.40
CA GLU B 357 -11.18 18.27 -5.62
C GLU B 357 -11.57 17.55 -4.37
N ASP B 358 -10.61 16.89 -3.74
CA ASP B 358 -10.82 16.09 -2.52
C ASP B 358 -9.53 15.97 -1.71
N VAL B 359 -9.67 15.56 -0.45
CA VAL B 359 -8.53 15.14 0.35
C VAL B 359 -8.92 13.96 1.21
N PHE B 360 -7.99 13.02 1.43
CA PHE B 360 -8.27 11.82 2.22
C PHE B 360 -7.03 11.25 2.87
N THR B 361 -7.19 10.79 4.12
CA THR B 361 -6.14 10.06 4.87
C THR B 361 -6.24 8.55 4.59
N PRO B 362 -5.38 8.02 3.73
CA PRO B 362 -5.63 6.63 3.51
C PRO B 362 -5.28 5.84 4.75
N TYR B 363 -6.13 4.87 5.08
CA TYR B 363 -6.01 4.18 6.36
C TYR B 363 -4.78 3.32 6.38
N GLU B 364 -4.38 2.84 5.21
CA GLU B 364 -3.12 2.09 5.09
C GLU B 364 -1.89 2.88 5.64
N ALA B 365 -1.94 4.21 5.56
CA ALA B 365 -0.87 5.03 6.10
C ALA B 365 -1.12 5.39 7.59
N GLN B 366 -2.04 4.67 8.25
CA GLN B 366 -2.38 4.85 9.68
C GLN B 366 -2.71 6.31 10.00
N ALA B 367 -3.30 7.00 9.05
CA ALA B 367 -3.67 8.43 9.22
C ALA B 367 -2.48 9.41 9.35
N LEU B 368 -1.28 9.05 8.86
CA LEU B 368 -0.15 9.99 8.80
C LEU B 368 -0.05 10.72 7.46
N TRP B 369 -0.79 10.26 6.47
CA TRP B 369 -0.73 10.79 5.13
C TRP B 369 -1.99 11.52 4.78
N LEU B 370 -1.87 12.64 4.08
CA LEU B 370 -3.05 13.27 3.45
C LEU B 370 -2.90 13.30 1.93
N ALA B 371 -3.74 12.58 1.21
CA ALA B 371 -3.68 12.71 -0.23
C ALA B 371 -4.57 13.87 -0.60
N VAL B 372 -4.07 14.66 -1.54
CA VAL B 372 -4.70 15.88 -2.01
C VAL B 372 -4.83 15.79 -3.52
N LYS B 373 -6.04 15.65 -4.03
CA LYS B 373 -6.33 15.47 -5.45
C LYS B 373 -6.54 16.82 -6.11
N ILE B 374 -5.68 17.13 -7.08
CA ILE B 374 -5.62 18.44 -7.75
C ILE B 374 -6.17 18.40 -9.16
N ASN B 375 -7.13 19.29 -9.41
CA ASN B 375 -7.62 19.48 -10.78
C ASN B 375 -6.50 20.02 -11.61
N THR B 376 -6.15 19.31 -12.68
CA THR B 376 -4.97 19.66 -13.47
C THR B 376 -5.17 20.86 -14.37
N HIS B 377 -6.33 20.92 -15.01
CA HIS B 377 -6.68 22.07 -15.85
C HIS B 377 -6.66 23.38 -15.06
N GLU B 378 -7.26 23.40 -13.86
CA GLU B 378 -7.24 24.60 -13.03
C GLU B 378 -5.88 24.89 -12.42
N LEU B 379 -5.04 23.87 -12.38
CA LEU B 379 -3.67 23.99 -11.88
C LEU B 379 -2.81 24.76 -12.86
N VAL B 380 -2.93 24.43 -14.14
CA VAL B 380 -2.23 25.16 -15.19
C VAL B 380 -2.49 26.66 -15.12
N LYS B 381 -3.76 27.02 -14.97
CA LYS B 381 -4.17 28.43 -14.86
C LYS B 381 -3.44 29.20 -13.75
N LEU B 382 -2.88 28.50 -12.78
CA LEU B 382 -2.19 29.16 -11.65
C LEU B 382 -0.78 29.57 -11.97
N LYS B 383 -0.27 29.13 -13.14
CA LYS B 383 1.07 29.49 -13.59
C LYS B 383 2.09 29.25 -12.45
N THR B 384 2.04 28.03 -11.90
CA THR B 384 2.88 27.70 -10.77
C THR B 384 3.72 26.46 -11.10
N ASN B 385 4.48 25.99 -10.10
CA ASN B 385 5.34 24.82 -10.21
C ASN B 385 5.35 24.04 -8.89
N ALA B 386 6.10 22.94 -8.81
CA ALA B 386 6.05 22.04 -7.63
C ALA B 386 6.42 22.69 -6.31
N LYS B 387 7.51 23.44 -6.30
CA LYS B 387 8.06 23.88 -5.01
C LYS B 387 7.27 25.09 -4.49
N GLU B 388 6.59 25.79 -5.40
CA GLU B 388 5.79 26.91 -4.95
C GLU B 388 4.48 26.41 -4.38
N LEU B 389 3.86 25.48 -5.07
CA LEU B 389 2.61 24.87 -4.64
C LEU B 389 2.77 24.07 -3.37
N SER B 390 3.92 23.44 -3.21
CA SER B 390 4.24 22.72 -2.00
C SER B 390 4.37 23.63 -0.79
N ASN B 391 4.99 24.77 -0.97
CA ASN B 391 5.19 25.69 0.14
C ASN B 391 3.81 26.28 0.54
N LEU B 392 3.08 26.71 -0.45
CA LEU B 392 1.76 27.22 -0.24
C LEU B 392 0.98 26.22 0.61
N VAL B 393 0.77 25.00 0.06
CA VAL B 393 -0.03 23.93 0.70
C VAL B 393 0.55 23.57 2.07
N GLY B 394 1.86 23.44 2.15
CA GLY B 394 2.44 22.99 3.41
C GLY B 394 2.29 24.05 4.48
N ASP B 395 2.45 25.32 4.08
CA ASP B 395 2.40 26.46 5.03
C ASP B 395 1.01 26.57 5.58
N PHE B 396 0.03 26.42 4.72
CA PHE B 396 -1.35 26.55 5.13
C PHE B 396 -1.77 25.45 6.11
N LEU B 397 -1.45 24.19 5.85
CA LEU B 397 -1.91 23.09 6.69
C LEU B 397 -1.11 22.98 8.03
N PHE B 398 0.16 23.34 7.98
CA PHE B 398 1.00 23.20 9.15
C PHE B 398 1.15 24.47 10.01
N ARG B 399 1.01 25.66 9.41
CA ARG B 399 1.28 26.91 10.10
C ARG B 399 0.13 27.89 10.23
N SER B 400 -0.91 27.76 9.41
CA SER B 400 -2.00 28.73 9.45
C SER B 400 -2.79 28.59 10.77
N LYS B 401 -3.30 29.72 11.28
CA LYS B 401 -4.27 29.71 12.36
C LYS B 401 -5.52 28.84 12.03
N GLU B 402 -5.81 28.63 10.75
CA GLU B 402 -6.92 27.79 10.39
C GLU B 402 -6.65 26.28 10.65
N CYS B 403 -5.42 25.81 10.39
CA CYS B 403 -5.16 24.37 10.32
C CYS B 403 -4.14 23.83 11.26
N TYR B 404 -3.44 24.70 12.00
CA TYR B 404 -2.35 24.24 12.87
C TYR B 404 -2.69 23.00 13.69
N LYS B 405 -3.93 22.95 14.21
CA LYS B 405 -4.43 21.84 15.03
C LYS B 405 -5.10 20.71 14.19
N VAL B 406 -6.09 21.11 13.39
CA VAL B 406 -6.73 20.21 12.45
C VAL B 406 -5.74 19.21 11.87
N CYS B 407 -4.66 19.71 11.27
CA CYS B 407 -3.76 18.88 10.50
C CYS B 407 -2.55 18.40 11.29
N SER B 408 -2.65 18.49 12.62
CA SER B 408 -1.49 18.20 13.46
C SER B 408 -1.09 16.75 13.30
N ILE B 409 -2.04 15.86 13.07
CA ILE B 409 -1.70 14.44 13.01
C ILE B 409 -0.96 14.04 11.72
N LEU B 410 -1.04 14.87 10.71
CA LEU B 410 -0.54 14.48 9.43
C LEU B 410 0.93 14.82 9.36
N HIS B 411 1.76 13.85 8.98
CA HIS B 411 3.18 14.11 8.63
C HIS B 411 3.61 14.10 7.15
N GLU B 412 2.75 13.65 6.23
CA GLU B 412 3.10 13.71 4.82
C GLU B 412 1.89 14.00 3.97
N ILE B 413 1.96 15.08 3.20
CA ILE B 413 0.86 15.52 2.34
C ILE B 413 1.33 15.19 0.97
N ILE B 414 0.44 14.63 0.15
CA ILE B 414 0.84 14.04 -1.13
C ILE B 414 -0.04 14.68 -2.20
N LEU B 415 0.60 15.40 -3.13
CA LEU B 415 -0.14 16.09 -4.19
C LEU B 415 -0.20 15.20 -5.42
N VAL B 416 -1.41 14.82 -5.81
CA VAL B 416 -1.57 13.95 -7.00
C VAL B 416 -2.58 14.56 -7.95
N GLY B 417 -2.47 14.25 -9.24
CA GLY B 417 -3.46 14.68 -10.23
C GLY B 417 -4.82 14.00 -10.10
N ASP B 418 -5.73 14.33 -11.01
CA ASP B 418 -7.14 13.98 -10.86
C ASP B 418 -7.55 12.70 -11.56
N ASP B 419 -6.60 12.03 -12.22
CA ASP B 419 -6.82 10.65 -12.68
C ASP B 419 -6.84 9.62 -11.51
N ILE B 420 -6.33 10.03 -10.36
CA ILE B 420 -6.13 9.14 -9.23
C ILE B 420 -7.28 9.28 -8.29
N ASP B 421 -8.10 8.23 -8.15
CA ASP B 421 -9.08 8.14 -7.10
C ASP B 421 -8.32 7.93 -5.77
N ILE B 422 -8.16 9.04 -5.04
CA ILE B 422 -7.43 9.05 -3.77
C ILE B 422 -8.08 8.21 -2.65
N PHE B 423 -9.33 7.75 -2.84
CA PHE B 423 -10.01 6.82 -1.90
C PHE B 423 -9.71 5.30 -2.14
N ASP B 424 -9.01 4.99 -3.24
CA ASP B 424 -8.64 3.63 -3.59
C ASP B 424 -7.10 3.59 -3.47
N PHE B 425 -6.64 2.90 -2.44
CA PHE B 425 -5.22 2.93 -2.14
C PHE B 425 -4.36 2.26 -3.21
N LYS B 426 -4.89 1.23 -3.88
CA LYS B 426 -4.24 0.69 -5.07
C LYS B 426 -3.82 1.82 -6.02
N GLN B 427 -4.71 2.79 -6.23
CA GLN B 427 -4.44 3.90 -7.14
C GLN B 427 -3.46 4.88 -6.51
N LEU B 428 -3.64 5.19 -5.24
CA LEU B 428 -2.75 6.18 -4.58
C LEU B 428 -1.29 5.71 -4.50
N ILE B 429 -1.07 4.46 -4.15
CA ILE B 429 0.30 3.97 -3.98
C ILE B 429 1.01 3.77 -5.31
N TRP B 430 0.22 3.49 -6.34
CA TRP B 430 0.76 3.51 -7.67
C TRP B 430 1.35 4.87 -7.91
N ALA B 431 0.55 5.92 -7.75
CA ALA B 431 0.95 7.27 -8.12
C ALA B 431 2.05 7.80 -7.21
N TYR B 432 2.04 7.38 -5.94
CA TYR B 432 3.08 7.83 -5.01
C TYR B 432 4.44 7.30 -5.42
N THR B 433 4.51 6.01 -5.62
CA THR B 433 5.77 5.37 -5.84
C THR B 433 6.31 5.78 -7.18
N THR B 434 5.44 6.00 -8.16
CA THR B 434 5.91 6.24 -9.53
C THR B 434 6.06 7.67 -9.99
N ARG B 435 5.55 8.64 -9.23
CA ARG B 435 5.47 10.05 -9.70
C ARG B 435 6.22 11.06 -8.82
N HIS B 436 6.86 10.62 -7.74
CA HIS B 436 7.74 11.50 -7.01
C HIS B 436 9.13 10.89 -6.94
N THR B 437 10.15 11.73 -7.13
CA THR B 437 11.50 11.27 -6.99
C THR B 437 11.71 11.32 -5.52
N PRO B 438 12.33 10.29 -4.93
CA PRO B 438 12.51 10.38 -3.48
C PRO B 438 13.43 11.52 -3.12
N VAL B 439 13.10 12.18 -2.02
CA VAL B 439 13.81 13.36 -1.53
C VAL B 439 13.79 14.63 -2.43
N GLN B 440 14.22 14.55 -3.68
CA GLN B 440 14.11 15.74 -4.50
C GLN B 440 12.67 16.28 -4.50
N ASP B 441 11.67 15.40 -4.56
CA ASP B 441 10.29 15.88 -4.65
C ASP B 441 9.53 15.89 -3.31
N GLN B 442 10.27 16.06 -2.23
CA GLN B 442 9.70 16.22 -0.89
C GLN B 442 10.18 17.54 -0.33
N LEU B 443 9.26 18.39 0.15
CA LEU B 443 9.62 19.68 0.74
C LEU B 443 9.52 19.59 2.26
N TYR B 444 10.66 19.49 2.95
CA TYR B 444 10.71 19.39 4.41
C TYR B 444 10.25 20.66 5.12
N PHE B 445 9.59 20.52 6.27
CA PHE B 445 9.21 21.62 7.13
C PHE B 445 9.83 21.30 8.47
N ASP B 446 10.78 22.11 8.95
CA ASP B 446 11.52 21.79 10.16
C ASP B 446 11.13 22.54 11.44
N ASP B 447 10.27 23.56 11.30
CA ASP B 447 9.83 24.44 12.38
C ASP B 447 8.43 24.13 12.89
N VAL B 448 7.70 23.24 12.19
CA VAL B 448 6.30 22.91 12.55
C VAL B 448 6.27 21.86 13.66
N LYS B 449 5.14 21.78 14.34
CA LYS B 449 5.01 20.93 15.48
C LYS B 449 4.67 19.50 14.99
N PRO B 450 5.51 18.52 15.41
CA PRO B 450 5.26 17.13 15.12
C PRO B 450 4.16 16.61 15.97
N PHE B 451 3.42 15.61 15.45
CA PHE B 451 2.47 14.79 16.24
C PHE B 451 3.15 13.75 17.16
N ALA B 452 3.05 13.90 18.48
CA ALA B 452 3.90 13.14 19.42
C ALA B 452 3.61 11.66 19.53
N LEU B 453 2.49 11.23 18.95
CA LEU B 453 2.07 9.84 19.03
C LEU B 453 2.74 8.99 17.94
N ALA B 454 3.07 9.63 16.83
CA ALA B 454 3.67 8.98 15.67
C ALA B 454 4.92 8.24 16.07
N PRO B 455 4.98 6.92 15.86
CA PRO B 455 6.07 6.15 16.44
C PRO B 455 7.49 6.59 16.05
N PHE B 456 7.67 7.12 14.85
CA PHE B 456 8.99 7.64 14.48
C PHE B 456 9.36 8.87 15.30
N ALA B 457 8.34 9.58 15.80
CA ALA B 457 8.51 10.68 16.77
C ALA B 457 8.68 10.16 18.17
N SER B 458 7.79 9.27 18.61
CA SER B 458 7.77 8.89 20.05
C SER B 458 9.03 8.18 20.50
N GLN B 459 9.59 7.41 19.56
CA GLN B 459 10.78 6.59 19.77
C GLN B 459 11.97 7.29 19.10
N GLY B 460 11.86 8.60 18.91
CA GLY B 460 12.91 9.35 18.25
C GLY B 460 13.17 10.69 18.90
N PRO B 461 14.00 11.51 18.24
CA PRO B 461 14.28 12.81 18.84
C PRO B 461 13.13 13.81 18.71
N LEU B 462 12.21 13.61 17.79
CA LEU B 462 11.10 14.56 17.61
C LEU B 462 10.30 14.70 18.92
N ILE B 463 10.12 13.63 19.70
CA ILE B 463 9.46 13.74 21.01
C ILE B 463 10.14 14.82 21.90
N LYS B 464 11.48 14.88 21.88
CA LYS B 464 12.24 15.91 22.63
C LYS B 464 12.23 17.29 21.95
N THR B 465 12.63 17.33 20.69
CA THR B 465 12.87 18.61 20.01
C THR B 465 11.57 19.28 19.67
N ARG B 466 10.51 18.51 19.56
CA ARG B 466 9.22 19.08 19.20
CA ARG B 466 9.19 18.96 19.08
C ARG B 466 9.28 20.06 18.01
N GLN B 467 10.20 19.84 17.08
CA GLN B 467 10.29 20.64 15.86
C GLN B 467 10.47 19.72 14.61
N GLY B 468 9.62 19.92 13.60
CA GLY B 468 9.79 19.30 12.27
C GLY B 468 9.05 17.96 12.06
N GLY B 469 9.68 17.07 11.29
CA GLY B 469 9.13 15.74 11.01
C GLY B 469 8.16 15.66 9.85
N LYS B 470 7.94 16.74 9.11
CA LYS B 470 6.88 16.71 8.10
C LYS B 470 7.32 17.10 6.70
N CYS B 471 6.60 16.64 5.70
CA CYS B 471 6.94 17.03 4.33
C CYS B 471 5.74 17.06 3.44
N VAL B 472 5.85 17.80 2.34
CA VAL B 472 4.86 17.79 1.27
C VAL B 472 5.53 17.15 0.05
N THR B 473 4.88 16.11 -0.49
CA THR B 473 5.44 15.30 -1.54
C THR B 473 4.65 15.41 -2.86
N THR B 474 5.29 15.83 -3.93
CA THR B 474 4.58 16.10 -5.17
C THR B 474 4.59 14.90 -6.09
N CYS B 475 3.42 14.35 -6.37
CA CYS B 475 3.27 13.27 -7.33
C CYS B 475 2.51 13.79 -8.54
N ILE B 476 2.92 14.99 -8.98
CA ILE B 476 2.40 15.66 -10.20
C ILE B 476 3.62 15.94 -11.11
N PHE B 477 3.60 15.44 -12.33
CA PHE B 477 4.73 15.63 -13.26
C PHE B 477 4.89 17.11 -13.63
N PRO B 478 6.13 17.56 -13.79
CA PRO B 478 6.36 19.00 -13.99
C PRO B 478 5.49 19.60 -15.09
N LYS B 479 5.40 18.93 -16.23
CA LYS B 479 4.58 19.39 -17.32
C LYS B 479 3.09 19.38 -17.05
N GLN B 480 2.61 18.68 -16.02
CA GLN B 480 1.19 18.79 -15.67
C GLN B 480 0.82 20.20 -15.26
N PHE B 481 1.80 20.98 -14.80
CA PHE B 481 1.59 22.34 -14.34
C PHE B 481 1.51 23.37 -15.48
N THR B 482 1.89 23.00 -16.71
CA THR B 482 1.98 23.93 -17.84
C THR B 482 1.21 23.47 -19.08
N ASP B 483 1.15 22.18 -19.33
CA ASP B 483 0.40 21.64 -20.43
C ASP B 483 -0.89 21.05 -19.92
N PRO B 484 -2.03 21.64 -20.33
CA PRO B 484 -3.36 21.11 -19.98
C PRO B 484 -3.72 19.80 -20.67
N ASP B 485 -3.26 19.63 -21.92
CA ASP B 485 -3.50 18.38 -22.70
C ASP B 485 -2.44 17.26 -22.45
N PHE B 486 -1.68 17.36 -21.36
CA PHE B 486 -0.65 16.37 -21.03
C PHE B 486 -1.28 15.02 -20.97
N GLU B 487 -0.60 14.06 -21.59
CA GLU B 487 -1.21 12.83 -22.06
C GLU B 487 -0.37 11.67 -21.52
N PHE B 488 -1.04 10.73 -20.82
CA PHE B 488 -0.45 9.43 -20.57
C PHE B 488 -1.53 8.35 -20.47
N VAL B 489 -1.19 7.16 -20.95
CA VAL B 489 -2.08 6.01 -20.90
C VAL B 489 -1.78 5.15 -19.67
N THR B 490 -2.82 4.94 -18.87
CA THR B 490 -2.76 4.08 -17.72
C THR B 490 -2.88 2.65 -18.24
N CYS B 491 -1.90 1.82 -17.87
CA CYS B 491 -1.78 0.48 -18.43
C CYS B 491 -2.43 -0.51 -17.52
N ASN B 492 -3.69 -0.28 -17.21
CA ASN B 492 -4.53 -1.33 -16.69
C ASN B 492 -5.63 -1.57 -17.68
N PHE B 493 -6.60 -2.40 -17.32
CA PHE B 493 -7.67 -2.73 -18.24
C PHE B 493 -8.54 -1.52 -18.47
N ASN B 494 -8.81 -0.77 -17.41
CA ASN B 494 -9.73 0.35 -17.52
C ASN B 494 -9.13 1.50 -18.34
N GLY B 495 -7.83 1.40 -18.69
CA GLY B 495 -7.15 2.41 -19.48
C GLY B 495 -7.23 2.22 -20.99
N TYR B 496 -7.78 1.10 -21.44
CA TYR B 496 -7.94 0.86 -22.86
C TYR B 496 -9.13 1.69 -23.37
N PRO B 497 -9.23 1.91 -24.70
CA PRO B 497 -10.32 2.73 -25.24
C PRO B 497 -11.71 2.15 -24.90
N GLU B 498 -12.68 3.04 -24.72
CA GLU B 498 -14.03 2.62 -24.32
C GLU B 498 -14.55 1.51 -25.24
N GLU B 499 -14.24 1.63 -26.52
CA GLU B 499 -14.69 0.69 -27.54
C GLU B 499 -14.16 -0.74 -27.29
N VAL B 500 -12.86 -0.84 -27.04
CA VAL B 500 -12.23 -2.13 -26.73
C VAL B 500 -12.73 -2.63 -25.37
N LYS B 501 -12.55 -1.84 -24.32
C LYS B 501 -14.75 -2.58 -23.13
N ASN B 502 -15.64 -2.13 -23.99
CA ASN B 502 -17.00 -2.66 -24.02
C ASN B 502 -17.03 -4.01 -24.75
N LYS B 503 -16.44 -4.03 -25.94
CA LYS B 503 -16.44 -5.25 -26.71
C LYS B 503 -15.94 -6.43 -25.84
N ILE B 504 -14.80 -6.25 -25.18
CA ILE B 504 -14.25 -7.32 -24.36
C ILE B 504 -15.15 -7.61 -23.16
N SER B 505 -15.58 -6.57 -22.44
CA SER B 505 -16.43 -6.75 -21.24
C SER B 505 -17.77 -7.42 -21.53
N GLN B 506 -18.49 -6.91 -22.53
CA GLN B 506 -19.80 -7.45 -22.89
C GLN B 506 -19.71 -8.92 -23.39
N ASN B 507 -18.62 -9.24 -24.09
CA ASN B 507 -18.41 -10.59 -24.67
C ASN B 507 -17.46 -11.48 -23.88
N TRP B 508 -17.23 -11.18 -22.59
CA TRP B 508 -16.20 -11.85 -21.81
C TRP B 508 -16.41 -13.36 -21.72
N ASP B 509 -17.66 -13.77 -21.62
CA ASP B 509 -18.01 -15.19 -21.55
C ASP B 509 -17.65 -15.96 -22.83
N LYS B 510 -17.54 -15.27 -23.97
CA LYS B 510 -17.14 -15.90 -25.25
C LYS B 510 -15.63 -16.25 -25.33
N TYR B 511 -14.85 -15.60 -24.46
CA TYR B 511 -13.41 -15.75 -24.36
C TYR B 511 -13.12 -16.81 -23.28
N TYR B 512 -13.46 -16.46 -22.04
CA TYR B 512 -13.52 -17.38 -20.92
C TYR B 512 -14.91 -17.94 -20.74
N LYS B 513 -15.20 -19.01 -21.48
CA LYS B 513 -16.44 -19.76 -21.26
C LYS B 513 -16.33 -21.10 -21.97
#